data_5BML
#
_entry.id   5BML
#
_cell.length_a   182.590
_cell.length_b   182.590
_cell.length_c   91.390
_cell.angle_alpha   90.000
_cell.angle_beta   90.000
_cell.angle_gamma   120.000
#
_symmetry.space_group_name_H-M   'P 31 2 1'
#
loop_
_entity.id
_entity.type
_entity.pdbx_description
1 polymer 'Rho-associated protein kinase 1'
2 non-polymer N-[4-(2-fluoropyridin-4-yl)thiophen-2-yl]-2-{3-[(methylsulfonyl)amino]phenyl}acetamide
3 water water
#
_entity_poly.entity_id   1
_entity_poly.type   'polypeptide(L)'
_entity_poly.pdbx_seq_one_letter_code
;GSLHMSFETRFEKMDNLLRDPKSEVNSDCLLDGLDALVYDLDFPALRKNKNIDNFLSRYKDTINKIRDLRMKAEDYEVVK
VIGRGAFGEVQLVRHKSTRKVYAMKLLSKFEMIKRSDSAFFWEERDIMAFANSPWVVQLFYAFQDDRYLYMVMEYMPGGD
LVNLMSNYDVPEKWARFYTAEVVLALDAIHSMGFIHRDVKPDNMLLDKSGHLKLADFGTCMKMNKEGMVRCDTAVGTPDY
ISPEVLKSQGGDGYYGRECDWWSVGVFLYEMLVGDTPFYADSLVGTYSKIMNHKNSLTFPDDNDISKEAKNLICAFLTDR
EVRLGRNGVEEIKRHLFFKNDQWAWETLRDTVAPVVPDLSSDIDTSNFDDLEEDKGEEETFPIPKAFVGNQLPFVGFTYY
SNRRYLSSANPNDNR
;
_entity_poly.pdbx_strand_id   A,B
#
# COMPACT_ATOMS: atom_id res chain seq x y z
N SER A 6 -24.82 1.49 -5.44
CA SER A 6 -24.85 0.08 -5.83
C SER A 6 -23.51 -0.58 -5.55
N PHE A 7 -23.48 -1.93 -5.63
CA PHE A 7 -22.27 -2.74 -5.41
C PHE A 7 -21.21 -2.41 -6.46
N GLU A 8 -21.64 -2.32 -7.75
CA GLU A 8 -20.80 -2.00 -8.90
C GLU A 8 -20.26 -0.57 -8.76
N THR A 9 -21.12 0.40 -8.41
CA THR A 9 -20.72 1.80 -8.22
C THR A 9 -19.59 1.88 -7.18
N ARG A 10 -19.77 1.24 -6.00
CA ARG A 10 -18.79 1.18 -4.91
C ARG A 10 -17.48 0.58 -5.39
N PHE A 11 -17.56 -0.49 -6.20
CA PHE A 11 -16.40 -1.18 -6.74
C PHE A 11 -15.63 -0.28 -7.70
N GLU A 12 -16.37 0.45 -8.55
CA GLU A 12 -15.82 1.36 -9.54
C GLU A 12 -15.18 2.59 -8.92
N LYS A 13 -15.88 3.25 -7.96
CA LYS A 13 -15.36 4.42 -7.21
C LYS A 13 -14.03 4.07 -6.54
N MET A 14 -13.99 2.89 -5.92
CA MET A 14 -12.82 2.34 -5.25
C MET A 14 -11.69 2.07 -6.25
N ASP A 15 -12.03 1.55 -7.43
CA ASP A 15 -11.05 1.22 -8.47
C ASP A 15 -10.44 2.44 -9.09
N ASN A 16 -11.24 3.50 -9.30
CA ASN A 16 -10.76 4.75 -9.86
C ASN A 16 -9.83 5.46 -8.91
N LEU A 17 -10.09 5.34 -7.59
CA LEU A 17 -9.27 5.90 -6.52
C LEU A 17 -7.84 5.30 -6.47
N LEU A 18 -7.68 4.05 -6.92
CA LEU A 18 -6.39 3.37 -6.95
C LEU A 18 -5.57 3.72 -8.17
N ARG A 19 -6.20 4.37 -9.15
CA ARG A 19 -5.63 4.72 -10.45
C ARG A 19 -5.32 6.20 -10.62
N ASP A 20 -6.15 7.08 -9.99
CA ASP A 20 -6.01 8.53 -10.09
C ASP A 20 -4.61 9.03 -9.66
N PRO A 21 -3.84 9.67 -10.58
CA PRO A 21 -2.49 10.17 -10.21
C PRO A 21 -2.54 11.24 -9.13
N LYS A 22 -3.73 11.85 -8.88
CA LYS A 22 -3.89 12.87 -7.85
C LYS A 22 -4.55 12.30 -6.56
N SER A 23 -4.80 10.97 -6.54
CA SER A 23 -5.40 10.33 -5.36
C SER A 23 -4.38 10.06 -4.24
N GLU A 24 -4.84 10.26 -2.99
CA GLU A 24 -4.06 10.05 -1.76
C GLU A 24 -3.91 8.55 -1.49
N VAL A 25 -4.76 7.71 -2.11
CA VAL A 25 -4.73 6.26 -1.96
C VAL A 25 -4.44 5.51 -3.27
N ASN A 26 -3.69 6.12 -4.23
CA ASN A 26 -3.32 5.38 -5.44
C ASN A 26 -2.16 4.41 -5.14
N SER A 27 -1.77 3.56 -6.12
CA SER A 27 -0.70 2.55 -5.92
C SER A 27 0.62 3.15 -5.36
N ASP A 28 0.99 4.39 -5.78
CA ASP A 28 2.21 5.06 -5.30
C ASP A 28 2.15 5.37 -3.82
N CYS A 29 1.01 5.93 -3.35
CA CYS A 29 0.80 6.24 -1.95
C CYS A 29 0.75 4.97 -1.13
N LEU A 30 -0.04 3.98 -1.60
CA LEU A 30 -0.22 2.73 -0.88
C LEU A 30 1.10 1.99 -0.68
N LEU A 31 1.95 1.93 -1.71
CA LEU A 31 3.26 1.29 -1.58
C LEU A 31 4.19 2.10 -0.64
N ASP A 32 4.11 3.45 -0.71
CA ASP A 32 4.91 4.35 0.14
C ASP A 32 4.55 4.12 1.58
N GLY A 33 3.24 3.93 1.85
CA GLY A 33 2.68 3.67 3.17
C GLY A 33 3.25 2.43 3.83
N LEU A 34 3.45 1.36 3.03
CA LEU A 34 4.00 0.11 3.52
C LEU A 34 5.50 0.22 3.67
N ASP A 35 6.17 0.93 2.73
CA ASP A 35 7.62 1.15 2.75
C ASP A 35 8.01 1.95 4.00
N ALA A 36 7.15 2.92 4.40
CA ALA A 36 7.29 3.77 5.58
C ALA A 36 7.24 2.94 6.88
N LEU A 37 6.21 2.06 7.00
CA LEU A 37 5.97 1.18 8.14
C LEU A 37 7.16 0.27 8.39
N VAL A 38 7.64 -0.41 7.34
CA VAL A 38 8.80 -1.31 7.42
C VAL A 38 10.08 -0.54 7.81
N TYR A 39 10.26 0.71 7.31
CA TYR A 39 11.43 1.55 7.66
C TYR A 39 11.37 2.00 9.13
N ASP A 40 10.20 2.55 9.55
CA ASP A 40 9.91 3.08 10.88
C ASP A 40 9.75 2.04 12.01
N LEU A 41 9.69 0.73 11.66
CA LEU A 41 9.56 -0.32 12.67
C LEU A 41 10.83 -1.17 12.79
N ASP A 42 11.65 -1.28 11.74
CA ASP A 42 12.86 -2.13 11.78
C ASP A 42 14.00 -1.55 12.67
N PHE A 43 13.80 -1.65 13.99
CA PHE A 43 14.71 -1.23 15.04
C PHE A 43 14.63 -2.25 16.15
N PRO A 44 15.79 -2.72 16.68
CA PRO A 44 15.77 -3.76 17.71
C PRO A 44 14.87 -3.48 18.93
N ALA A 45 14.82 -2.21 19.38
CA ALA A 45 14.01 -1.72 20.50
C ALA A 45 12.50 -2.01 20.29
N LEU A 46 11.99 -1.67 19.10
CA LEU A 46 10.60 -1.84 18.68
C LEU A 46 10.26 -3.30 18.42
N ARG A 47 11.24 -4.08 17.92
CA ARG A 47 11.14 -5.51 17.59
C ARG A 47 10.89 -6.38 18.83
N LYS A 48 11.11 -5.82 20.06
CA LYS A 48 10.84 -6.50 21.32
C LYS A 48 9.33 -6.79 21.42
N ASN A 49 8.51 -6.02 20.67
CA ASN A 49 7.06 -6.17 20.55
C ASN A 49 6.82 -7.20 19.41
N LYS A 50 6.23 -8.37 19.76
CA LYS A 50 6.01 -9.45 18.80
C LYS A 50 5.05 -9.09 17.65
N ASN A 51 4.06 -8.18 17.87
CA ASN A 51 3.16 -7.74 16.78
C ASN A 51 4.04 -7.17 15.65
N ILE A 52 4.98 -6.24 16.01
CA ILE A 52 5.94 -5.59 15.14
C ILE A 52 6.94 -6.60 14.59
N ASP A 53 7.53 -7.45 15.47
CA ASP A 53 8.52 -8.44 15.07
C ASP A 53 8.00 -9.47 14.05
N ASN A 54 6.77 -9.98 14.26
CA ASN A 54 6.19 -10.95 13.37
C ASN A 54 5.81 -10.31 12.05
N PHE A 55 5.25 -9.07 12.10
CA PHE A 55 4.86 -8.31 10.91
C PHE A 55 6.07 -8.13 9.99
N LEU A 56 7.17 -7.62 10.55
CA LEU A 56 8.43 -7.40 9.83
C LEU A 56 9.00 -8.68 9.25
N SER A 57 8.86 -9.80 9.97
CA SER A 57 9.35 -11.09 9.48
C SER A 57 8.49 -11.62 8.34
N ARG A 58 7.17 -11.36 8.42
CA ARG A 58 6.18 -11.74 7.43
C ARG A 58 6.37 -10.96 6.11
N TYR A 59 6.79 -9.69 6.21
CA TYR A 59 6.97 -8.87 5.03
C TYR A 59 8.42 -8.74 4.56
N LYS A 60 9.38 -9.44 5.22
CA LYS A 60 10.81 -9.39 4.89
C LYS A 60 11.10 -9.59 3.40
N ASP A 61 10.87 -10.80 2.86
CA ASP A 61 11.13 -11.14 1.45
C ASP A 61 10.45 -10.21 0.44
N THR A 62 9.15 -9.91 0.68
CA THR A 62 8.27 -9.06 -0.13
C THR A 62 8.77 -7.61 -0.22
N ILE A 63 9.01 -6.97 0.92
CA ILE A 63 9.49 -5.58 0.97
C ILE A 63 10.85 -5.46 0.28
N ASN A 64 11.66 -6.53 0.29
CA ASN A 64 12.95 -6.55 -0.40
C ASN A 64 12.71 -6.50 -1.91
N LYS A 65 11.76 -7.34 -2.41
CA LYS A 65 11.34 -7.43 -3.82
C LYS A 65 10.87 -6.05 -4.30
N ILE A 66 9.87 -5.46 -3.60
CA ILE A 66 9.27 -4.15 -3.86
C ILE A 66 10.37 -3.07 -3.95
N ARG A 67 11.27 -3.05 -2.95
CA ARG A 67 12.40 -2.12 -2.88
C ARG A 67 13.31 -2.25 -4.09
N ASP A 68 13.55 -3.48 -4.55
CA ASP A 68 14.40 -3.78 -5.70
C ASP A 68 13.74 -3.41 -7.03
N LEU A 69 12.42 -3.65 -7.19
CA LEU A 69 11.67 -3.37 -8.43
C LEU A 69 11.37 -1.89 -8.65
N ARG A 70 10.91 -1.19 -7.60
CA ARG A 70 10.61 0.22 -7.70
C ARG A 70 11.89 1.04 -7.90
N MET A 71 11.74 2.22 -8.50
CA MET A 71 12.82 3.16 -8.73
C MET A 71 13.51 3.49 -7.42
N LYS A 72 14.85 3.47 -7.44
CA LYS A 72 15.77 3.70 -6.32
C LYS A 72 16.98 4.51 -6.83
N ALA A 73 17.77 5.10 -5.91
CA ALA A 73 18.90 5.96 -6.26
C ALA A 73 19.99 5.27 -7.04
N GLU A 74 20.21 3.95 -6.80
CA GLU A 74 21.25 3.18 -7.48
C GLU A 74 20.90 2.82 -8.94
N ASP A 75 19.76 3.33 -9.46
CA ASP A 75 19.35 3.14 -10.87
C ASP A 75 20.02 4.24 -11.68
N TYR A 76 20.48 5.28 -10.98
CA TYR A 76 21.10 6.45 -11.56
C TYR A 76 22.60 6.54 -11.29
N GLU A 77 23.34 6.78 -12.38
CA GLU A 77 24.78 7.02 -12.47
C GLU A 77 24.90 8.57 -12.37
N VAL A 78 25.56 9.08 -11.30
CA VAL A 78 25.69 10.52 -11.06
C VAL A 78 26.93 11.06 -11.79
N VAL A 79 26.68 11.97 -12.75
CA VAL A 79 27.66 12.59 -13.63
C VAL A 79 28.39 13.75 -12.95
N LYS A 80 27.62 14.71 -12.36
CA LYS A 80 28.17 15.90 -11.71
C LYS A 80 27.13 16.54 -10.79
N VAL A 81 27.58 17.15 -9.67
CA VAL A 81 26.70 17.91 -8.78
C VAL A 81 26.58 19.29 -9.42
N ILE A 82 25.34 19.68 -9.78
CA ILE A 82 25.13 20.97 -10.49
C ILE A 82 24.27 21.95 -9.66
N GLY A 83 24.35 21.86 -8.35
CA GLY A 83 23.58 22.72 -7.46
C GLY A 83 23.59 22.22 -6.04
N ARG A 84 23.56 23.15 -5.09
CA ARG A 84 23.54 22.85 -3.67
C ARG A 84 22.63 23.83 -2.92
N GLY A 85 22.20 23.42 -1.74
CA GLY A 85 21.31 24.17 -0.86
C GLY A 85 21.48 23.65 0.54
N ALA A 86 20.77 24.25 1.51
CA ALA A 86 20.89 23.80 2.90
C ALA A 86 20.28 22.43 3.17
N PHE A 87 19.08 22.16 2.60
CA PHE A 87 18.34 20.92 2.80
C PHE A 87 18.65 19.87 1.75
N GLY A 88 19.53 20.18 0.79
CA GLY A 88 19.87 19.21 -0.23
C GLY A 88 20.74 19.66 -1.39
N GLU A 89 20.70 18.90 -2.48
CA GLU A 89 21.51 19.17 -3.68
C GLU A 89 20.84 18.72 -5.00
N VAL A 90 21.30 19.28 -6.14
CA VAL A 90 20.81 18.94 -7.48
C VAL A 90 21.99 18.31 -8.23
N GLN A 91 21.74 17.22 -8.99
CA GLN A 91 22.82 16.58 -9.74
C GLN A 91 22.42 16.07 -11.15
N LEU A 92 23.35 16.18 -12.11
CA LEU A 92 23.15 15.65 -13.45
C LEU A 92 23.38 14.12 -13.38
N VAL A 93 22.34 13.34 -13.74
CA VAL A 93 22.36 11.89 -13.69
C VAL A 93 22.02 11.19 -15.02
N ARG A 94 22.41 9.92 -15.13
CA ARG A 94 22.10 9.06 -16.27
C ARG A 94 21.46 7.80 -15.73
N HIS A 95 20.22 7.50 -16.18
CA HIS A 95 19.50 6.30 -15.76
C HIS A 95 20.23 5.11 -16.42
N LYS A 96 20.92 4.29 -15.61
CA LYS A 96 21.75 3.16 -16.03
C LYS A 96 21.08 2.24 -17.08
N SER A 97 19.77 1.91 -16.91
CA SER A 97 19.03 1.04 -17.86
C SER A 97 18.69 1.77 -19.20
N THR A 98 17.82 2.81 -19.15
CA THR A 98 17.35 3.58 -20.31
C THR A 98 18.44 4.41 -21.00
N ARG A 99 19.55 4.72 -20.27
CA ARG A 99 20.70 5.53 -20.68
C ARG A 99 20.31 7.01 -20.83
N LYS A 100 19.06 7.34 -20.44
CA LYS A 100 18.49 8.69 -20.51
C LYS A 100 19.10 9.63 -19.46
N VAL A 101 19.34 10.90 -19.85
CA VAL A 101 19.98 11.95 -19.03
C VAL A 101 18.95 12.90 -18.39
N TYR A 102 19.02 13.04 -17.07
CA TYR A 102 18.11 13.89 -16.30
C TYR A 102 18.87 14.71 -15.28
N ALA A 103 18.15 15.66 -14.64
CA ALA A 103 18.65 16.48 -13.54
C ALA A 103 17.80 16.01 -12.36
N MET A 104 18.45 15.62 -11.24
CA MET A 104 17.79 15.09 -10.06
C MET A 104 18.02 15.97 -8.85
N LYS A 105 16.92 16.45 -8.24
CA LYS A 105 16.96 17.27 -7.02
C LYS A 105 16.67 16.35 -5.83
N LEU A 106 17.63 16.25 -4.87
CA LEU A 106 17.60 15.45 -3.64
C LEU A 106 17.32 16.35 -2.45
N LEU A 107 16.42 15.95 -1.57
CA LEU A 107 16.14 16.71 -0.36
C LEU A 107 16.27 15.79 0.85
N SER A 108 17.12 16.18 1.82
CA SER A 108 17.36 15.42 3.04
C SER A 108 16.11 15.43 3.95
N LYS A 109 15.52 14.23 4.18
CA LYS A 109 14.35 14.01 5.04
C LYS A 109 14.69 14.39 6.48
N PHE A 110 15.93 14.09 6.92
CA PHE A 110 16.33 14.46 8.27
C PHE A 110 16.39 15.99 8.43
N GLU A 111 17.03 16.68 7.47
CA GLU A 111 17.13 18.13 7.48
C GLU A 111 15.75 18.78 7.44
N MET A 112 14.83 18.28 6.60
CA MET A 112 13.45 18.77 6.53
C MET A 112 12.74 18.66 7.88
N ILE A 113 12.76 17.47 8.50
CA ILE A 113 12.12 17.22 9.78
C ILE A 113 12.76 18.09 10.90
N LYS A 114 14.09 18.31 10.88
CA LYS A 114 14.84 19.14 11.85
C LYS A 114 14.53 20.67 11.67
N ARG A 115 13.25 21.05 11.92
CA ARG A 115 12.63 22.38 11.81
C ARG A 115 12.79 23.01 10.42
N SER A 116 11.75 22.84 9.58
CA SER A 116 11.65 23.42 8.22
C SER A 116 10.30 24.16 8.00
N ASP A 117 9.39 24.10 9.02
CA ASP A 117 8.05 24.72 9.11
C ASP A 117 7.47 25.15 7.73
N SER A 118 7.13 24.13 6.91
CA SER A 118 6.58 24.30 5.56
C SER A 118 5.76 23.07 5.08
N ALA A 119 6.48 22.08 4.44
CA ALA A 119 6.11 20.87 3.66
C ALA A 119 6.10 21.40 2.21
N PHE A 120 7.12 22.24 1.93
CA PHE A 120 7.38 23.00 0.71
C PHE A 120 7.59 22.16 -0.55
N PHE A 121 8.04 20.91 -0.38
CA PHE A 121 8.33 19.98 -1.47
C PHE A 121 7.09 19.52 -2.22
N TRP A 122 5.88 19.54 -1.57
CA TRP A 122 4.63 19.12 -2.21
C TRP A 122 4.24 19.97 -3.41
N GLU A 123 4.22 21.32 -3.26
CA GLU A 123 3.89 22.24 -4.37
C GLU A 123 4.93 22.16 -5.51
N GLU A 124 6.22 21.98 -5.17
CA GLU A 124 7.30 21.82 -6.16
C GLU A 124 7.06 20.55 -7.03
N ARG A 125 6.63 19.43 -6.38
CA ARG A 125 6.28 18.14 -7.01
C ARG A 125 5.06 18.33 -7.95
N ASP A 126 3.93 18.94 -7.47
CA ASP A 126 2.71 19.11 -8.25
C ASP A 126 2.87 20.05 -9.43
N ILE A 127 3.51 21.22 -9.22
CA ILE A 127 3.78 22.21 -10.28
C ILE A 127 4.56 21.55 -11.40
N MET A 128 5.67 20.86 -11.10
CA MET A 128 6.46 20.19 -12.15
C MET A 128 5.78 18.95 -12.73
N ALA A 129 5.02 18.23 -11.93
CA ALA A 129 4.35 17.02 -12.40
C ALA A 129 3.16 17.29 -13.32
N PHE A 130 2.36 18.33 -13.04
CA PHE A 130 1.11 18.60 -13.74
C PHE A 130 1.03 19.93 -14.49
N ALA A 131 2.07 20.81 -14.42
CA ALA A 131 2.01 22.10 -15.15
C ALA A 131 1.69 21.93 -16.62
N ASN A 132 2.40 20.98 -17.28
CA ASN A 132 2.31 20.70 -18.71
C ASN A 132 2.38 22.01 -19.51
N SER A 133 3.51 22.73 -19.28
CA SER A 133 3.80 24.04 -19.87
C SER A 133 5.22 24.11 -20.38
N PRO A 134 5.47 24.64 -21.58
CA PRO A 134 6.86 24.78 -22.03
C PRO A 134 7.69 25.69 -21.13
N TRP A 135 7.03 26.45 -20.22
CA TRP A 135 7.66 27.42 -19.32
C TRP A 135 8.02 26.86 -17.96
N VAL A 136 7.70 25.60 -17.71
CA VAL A 136 7.91 24.94 -16.44
C VAL A 136 8.72 23.65 -16.62
N VAL A 137 9.82 23.50 -15.86
CA VAL A 137 10.65 22.30 -15.87
C VAL A 137 9.76 21.13 -15.51
N GLN A 138 9.82 20.05 -16.31
CA GLN A 138 8.99 18.85 -16.17
C GLN A 138 9.54 17.84 -15.16
N LEU A 139 8.65 17.24 -14.37
CA LEU A 139 8.97 16.16 -13.43
C LEU A 139 8.59 14.84 -14.14
N PHE A 140 9.58 13.95 -14.34
CA PHE A 140 9.36 12.64 -14.96
C PHE A 140 9.03 11.57 -13.91
N TYR A 141 9.78 11.56 -12.80
CA TYR A 141 9.59 10.64 -11.70
C TYR A 141 9.96 11.32 -10.39
N ALA A 142 9.34 10.89 -9.28
CA ALA A 142 9.62 11.32 -7.94
C ALA A 142 9.66 10.02 -7.12
N PHE A 143 10.75 9.80 -6.39
CA PHE A 143 10.88 8.61 -5.54
C PHE A 143 11.53 8.98 -4.21
N GLN A 144 11.87 7.98 -3.38
CA GLN A 144 12.42 8.20 -2.03
C GLN A 144 12.95 6.89 -1.39
N ASP A 145 13.75 7.08 -0.35
CA ASP A 145 14.27 6.03 0.52
C ASP A 145 14.18 6.58 1.94
N ASP A 146 14.71 5.86 2.93
CA ASP A 146 14.67 6.29 4.32
C ASP A 146 15.39 7.63 4.59
N ARG A 147 16.35 8.01 3.72
CA ARG A 147 17.19 9.21 3.83
C ARG A 147 16.75 10.44 2.99
N TYR A 148 16.44 10.23 1.68
CA TYR A 148 16.11 11.33 0.77
C TYR A 148 14.82 11.27 -0.01
N LEU A 149 14.50 12.40 -0.65
CA LEU A 149 13.42 12.62 -1.59
C LEU A 149 14.14 12.81 -2.95
N TYR A 150 13.58 12.38 -4.07
CA TYR A 150 14.27 12.53 -5.36
C TYR A 150 13.27 13.03 -6.37
N MET A 151 13.69 14.03 -7.18
CA MET A 151 12.83 14.58 -8.23
C MET A 151 13.54 14.52 -9.55
N VAL A 152 13.19 13.53 -10.38
CA VAL A 152 13.81 13.31 -11.69
C VAL A 152 13.19 14.25 -12.72
N MET A 153 13.90 15.34 -13.05
CA MET A 153 13.43 16.40 -13.99
C MET A 153 14.17 16.39 -15.32
N GLU A 154 13.65 17.12 -16.35
CA GLU A 154 14.39 17.25 -17.62
C GLU A 154 15.55 18.23 -17.39
N TYR A 155 16.72 17.87 -17.92
CA TYR A 155 17.93 18.67 -17.77
C TYR A 155 17.88 19.84 -18.71
N MET A 156 18.17 21.02 -18.15
CA MET A 156 18.22 22.32 -18.80
C MET A 156 19.72 22.65 -19.00
N PRO A 157 20.31 22.19 -20.11
CA PRO A 157 21.77 22.35 -20.27
C PRO A 157 22.33 23.75 -20.46
N GLY A 158 21.48 24.74 -20.72
CA GLY A 158 21.94 26.11 -20.94
C GLY A 158 22.25 26.89 -19.68
N GLY A 159 22.19 26.24 -18.52
CA GLY A 159 22.46 26.86 -17.23
C GLY A 159 21.38 27.86 -16.86
N ASP A 160 21.67 28.76 -15.91
CA ASP A 160 20.70 29.76 -15.49
C ASP A 160 21.07 31.20 -15.95
N LEU A 161 20.23 32.19 -15.56
CA LEU A 161 20.44 33.59 -15.89
C LEU A 161 21.52 34.24 -15.06
N VAL A 162 21.89 33.66 -13.89
CA VAL A 162 22.97 34.18 -13.03
C VAL A 162 24.27 34.01 -13.83
N ASN A 163 24.46 32.82 -14.40
CA ASN A 163 25.62 32.47 -15.18
C ASN A 163 25.72 33.37 -16.40
N LEU A 164 24.60 33.56 -17.14
CA LEU A 164 24.57 34.38 -18.34
C LEU A 164 25.01 35.83 -18.02
N MET A 165 24.38 36.43 -17.01
CA MET A 165 24.65 37.79 -16.57
C MET A 165 26.10 38.00 -16.16
N SER A 166 26.70 36.97 -15.56
CA SER A 166 28.08 36.97 -15.11
C SER A 166 29.10 36.86 -16.26
N ASN A 167 28.68 36.38 -17.45
CA ASN A 167 29.55 36.23 -18.63
C ASN A 167 29.26 37.23 -19.75
N TYR A 168 28.21 38.05 -19.63
CA TYR A 168 27.86 39.00 -20.68
C TYR A 168 27.34 40.30 -20.14
N ASP A 169 27.64 41.38 -20.88
CA ASP A 169 27.09 42.70 -20.65
C ASP A 169 25.78 42.60 -21.47
N VAL A 170 24.68 42.33 -20.79
CA VAL A 170 23.40 42.11 -21.47
C VAL A 170 22.88 43.36 -22.23
N PRO A 171 22.75 43.27 -23.58
CA PRO A 171 22.13 44.38 -24.33
C PRO A 171 20.61 44.39 -24.07
N GLU A 172 19.99 45.55 -24.26
CA GLU A 172 18.56 45.78 -24.04
C GLU A 172 17.66 44.83 -24.83
N LYS A 173 18.03 44.50 -26.10
CA LYS A 173 17.25 43.58 -26.93
C LYS A 173 17.20 42.17 -26.33
N TRP A 174 18.28 41.72 -25.63
CA TRP A 174 18.33 40.41 -24.95
C TRP A 174 17.45 40.46 -23.71
N ALA A 175 17.59 41.56 -22.90
CA ALA A 175 16.82 41.80 -21.68
C ALA A 175 15.34 41.79 -21.96
N ARG A 176 14.90 42.39 -23.12
CA ARG A 176 13.50 42.41 -23.55
C ARG A 176 13.02 40.98 -23.73
N PHE A 177 13.85 40.14 -24.38
CA PHE A 177 13.53 38.74 -24.64
C PHE A 177 13.32 37.96 -23.35
N TYR A 178 14.32 37.94 -22.43
CA TYR A 178 14.27 37.21 -21.16
C TYR A 178 13.16 37.70 -20.24
N THR A 179 12.93 39.02 -20.16
CA THR A 179 11.83 39.60 -19.36
C THR A 179 10.47 39.09 -19.90
N ALA A 180 10.27 39.19 -21.24
CA ALA A 180 9.04 38.73 -21.90
C ALA A 180 8.75 37.24 -21.60
N GLU A 181 9.81 36.38 -21.61
CA GLU A 181 9.66 34.95 -21.34
C GLU A 181 9.30 34.71 -19.87
N VAL A 182 9.88 35.53 -18.97
CA VAL A 182 9.63 35.48 -17.51
C VAL A 182 8.17 35.88 -17.24
N VAL A 183 7.69 36.92 -17.97
CA VAL A 183 6.31 37.39 -17.86
C VAL A 183 5.33 36.27 -18.28
N LEU A 184 5.65 35.55 -19.38
CA LEU A 184 4.79 34.45 -19.86
C LEU A 184 4.85 33.26 -18.93
N ALA A 185 6.05 32.96 -18.39
CA ALA A 185 6.26 31.84 -17.49
C ALA A 185 5.55 32.06 -16.15
N LEU A 186 5.65 33.30 -15.60
CA LEU A 186 4.99 33.66 -14.33
C LEU A 186 3.49 33.63 -14.48
N ASP A 187 3.00 34.06 -15.66
CA ASP A 187 1.59 34.04 -15.97
C ASP A 187 1.03 32.61 -16.01
N ALA A 188 1.83 31.62 -16.49
CA ALA A 188 1.46 30.19 -16.52
C ALA A 188 1.24 29.70 -15.10
N ILE A 189 2.20 30.02 -14.19
CA ILE A 189 2.16 29.66 -12.79
C ILE A 189 0.89 30.28 -12.13
N HIS A 190 0.66 31.59 -12.40
CA HIS A 190 -0.49 32.31 -11.86
C HIS A 190 -1.77 31.64 -12.28
N SER A 191 -1.86 31.23 -13.57
CA SER A 191 -3.00 30.52 -14.16
C SER A 191 -3.29 29.18 -13.52
N MET A 192 -2.28 28.57 -12.85
CA MET A 192 -2.40 27.30 -12.13
C MET A 192 -2.84 27.56 -10.69
N GLY A 193 -2.94 28.85 -10.33
CA GLY A 193 -3.39 29.33 -9.03
C GLY A 193 -2.32 29.46 -7.99
N PHE A 194 -1.08 29.73 -8.39
CA PHE A 194 0.03 29.85 -7.47
C PHE A 194 0.73 31.16 -7.61
N ILE A 195 1.28 31.65 -6.47
CA ILE A 195 2.17 32.81 -6.42
C ILE A 195 3.57 32.19 -6.20
N HIS A 196 4.57 32.56 -7.04
CA HIS A 196 5.93 32.02 -6.98
C HIS A 196 6.66 32.41 -5.71
N ARG A 197 6.64 33.70 -5.38
CA ARG A 197 7.19 34.35 -4.19
C ARG A 197 8.73 34.41 -4.10
N ASP A 198 9.44 33.75 -5.06
CA ASP A 198 10.91 33.73 -5.12
C ASP A 198 11.45 33.80 -6.58
N VAL A 199 11.03 34.83 -7.31
CA VAL A 199 11.49 35.04 -8.69
C VAL A 199 12.89 35.70 -8.63
N LYS A 200 13.90 35.02 -9.22
CA LYS A 200 15.30 35.46 -9.23
C LYS A 200 16.04 34.74 -10.37
N PRO A 201 17.14 35.30 -10.89
CA PRO A 201 17.84 34.65 -12.01
C PRO A 201 18.24 33.20 -11.83
N ASP A 202 18.42 32.76 -10.58
CA ASP A 202 18.79 31.43 -10.13
C ASP A 202 17.70 30.44 -10.50
N ASN A 203 16.43 30.92 -10.54
CA ASN A 203 15.27 30.10 -10.81
C ASN A 203 14.84 30.17 -12.27
N MET A 204 15.63 30.91 -13.11
CA MET A 204 15.39 31.07 -14.55
C MET A 204 16.43 30.24 -15.30
N LEU A 205 15.99 29.09 -15.85
CA LEU A 205 16.84 28.11 -16.53
C LEU A 205 16.70 28.18 -18.04
N LEU A 206 17.75 27.80 -18.78
CA LEU A 206 17.69 27.78 -20.26
C LEU A 206 17.81 26.37 -20.84
N ASP A 207 16.92 26.02 -21.76
CA ASP A 207 16.95 24.70 -22.41
C ASP A 207 18.03 24.65 -23.53
N LYS A 208 18.17 23.50 -24.22
CA LYS A 208 19.16 23.31 -25.31
C LYS A 208 19.03 24.34 -26.42
N SER A 209 17.83 24.93 -26.53
CA SER A 209 17.43 25.90 -27.54
C SER A 209 17.72 27.37 -27.12
N GLY A 210 17.94 27.59 -25.82
CA GLY A 210 18.20 28.92 -25.27
C GLY A 210 16.99 29.62 -24.73
N HIS A 211 15.84 28.92 -24.67
CA HIS A 211 14.56 29.42 -24.16
C HIS A 211 14.39 29.11 -22.68
N LEU A 212 13.70 30.01 -22.01
CA LEU A 212 13.46 29.97 -20.57
C LEU A 212 12.40 28.95 -20.10
N LYS A 213 12.61 28.46 -18.88
CA LYS A 213 11.79 27.55 -18.10
C LYS A 213 12.08 27.88 -16.64
N LEU A 214 11.01 28.09 -15.84
CA LEU A 214 11.17 28.36 -14.42
C LEU A 214 11.41 27.04 -13.68
N ALA A 215 12.24 27.11 -12.64
CA ALA A 215 12.56 25.97 -11.79
C ALA A 215 12.52 26.49 -10.35
N ASP A 216 12.84 25.60 -9.37
CA ASP A 216 12.84 25.84 -7.93
C ASP A 216 11.51 26.45 -7.42
N PHE A 217 10.51 25.58 -7.23
CA PHE A 217 9.18 26.01 -6.81
C PHE A 217 8.93 25.84 -5.31
N GLY A 218 10.01 25.68 -4.53
CA GLY A 218 9.94 25.47 -3.08
C GLY A 218 9.27 26.53 -2.23
N THR A 219 8.89 27.68 -2.81
CA THR A 219 8.24 28.79 -2.10
C THR A 219 6.83 29.08 -2.62
N CYS A 220 6.44 28.40 -3.71
CA CYS A 220 5.13 28.50 -4.36
C CYS A 220 4.02 28.23 -3.38
N MET A 221 3.00 29.08 -3.40
CA MET A 221 1.84 28.93 -2.54
C MET A 221 0.57 29.10 -3.31
N LYS A 222 -0.47 28.33 -2.95
CA LYS A 222 -1.76 28.39 -3.62
C LYS A 222 -2.59 29.57 -3.17
N MET A 223 -3.01 30.39 -4.16
CA MET A 223 -3.86 31.57 -3.98
C MET A 223 -5.22 31.10 -3.55
N ASN A 224 -5.92 31.92 -2.75
CA ASN A 224 -7.28 31.65 -2.31
C ASN A 224 -8.29 32.18 -3.36
N LYS A 225 -9.60 32.14 -3.03
CA LYS A 225 -10.74 32.61 -3.86
C LYS A 225 -10.46 34.00 -4.49
N GLU A 226 -9.94 34.95 -3.67
CA GLU A 226 -9.63 36.32 -4.10
C GLU A 226 -8.25 36.47 -4.77
N GLY A 227 -7.57 35.35 -5.02
CA GLY A 227 -6.24 35.32 -5.62
C GLY A 227 -5.16 35.83 -4.70
N MET A 228 -5.38 35.65 -3.38
CA MET A 228 -4.52 36.12 -2.30
C MET A 228 -3.95 34.98 -1.47
N VAL A 229 -2.90 35.29 -0.73
CA VAL A 229 -2.22 34.36 0.17
C VAL A 229 -2.09 35.09 1.53
N ARG A 230 -2.32 34.38 2.65
CA ARG A 230 -2.17 34.90 4.00
C ARG A 230 -1.00 34.20 4.69
N CYS A 231 0.13 34.92 4.75
CA CYS A 231 1.41 34.49 5.30
C CYS A 231 1.86 35.46 6.40
N ASP A 232 2.18 34.94 7.61
CA ASP A 232 2.62 35.76 8.74
C ASP A 232 4.15 35.90 8.81
N THR A 233 4.88 35.09 8.04
CA THR A 233 6.34 35.12 8.03
C THR A 233 6.86 35.23 6.60
N ALA A 234 7.78 36.19 6.36
CA ALA A 234 8.42 36.50 5.07
C ALA A 234 9.04 35.29 4.41
N VAL A 235 9.07 35.31 3.07
CA VAL A 235 9.58 34.23 2.24
C VAL A 235 10.25 34.85 0.99
N GLY A 236 11.33 34.23 0.49
CA GLY A 236 12.03 34.72 -0.70
C GLY A 236 13.52 35.01 -0.55
N THR A 237 14.07 35.96 -1.34
CA THR A 237 15.51 36.29 -1.30
C THR A 237 15.72 37.76 -0.86
N PRO A 238 16.71 38.04 0.02
CA PRO A 238 16.94 39.42 0.46
C PRO A 238 16.90 40.48 -0.66
N ASP A 239 17.57 40.22 -1.80
CA ASP A 239 17.60 41.18 -2.91
C ASP A 239 16.31 41.36 -3.68
N TYR A 240 15.58 40.24 -4.04
CA TYR A 240 14.41 40.26 -4.95
C TYR A 240 13.02 40.34 -4.25
N ILE A 241 13.01 40.39 -2.89
CA ILE A 241 11.79 40.43 -2.06
C ILE A 241 11.08 41.80 -2.12
N SER A 242 9.75 41.75 -2.28
CA SER A 242 8.87 42.92 -2.35
C SER A 242 8.67 43.57 -0.98
N PRO A 243 8.37 44.88 -0.90
CA PRO A 243 8.12 45.52 0.42
C PRO A 243 7.04 44.83 1.29
N GLU A 244 5.90 44.44 0.65
CA GLU A 244 4.77 43.79 1.31
C GLU A 244 5.08 42.37 1.84
N VAL A 245 5.97 41.61 1.17
CA VAL A 245 6.33 40.27 1.63
C VAL A 245 7.33 40.41 2.78
N LEU A 246 8.14 41.46 2.74
CA LEU A 246 9.11 41.78 3.79
C LEU A 246 8.41 42.16 5.12
N LYS A 247 7.43 43.09 5.07
CA LYS A 247 6.69 43.52 6.25
C LYS A 247 5.61 42.47 6.73
N SER A 248 5.20 41.49 5.83
CA SER A 248 4.20 40.44 6.10
C SER A 248 4.34 39.86 7.51
N GLN A 249 3.26 40.05 8.30
CA GLN A 249 3.13 39.75 9.72
C GLN A 249 1.77 39.09 10.13
N GLY A 250 1.65 38.77 11.43
CA GLY A 250 0.46 38.17 12.03
C GLY A 250 -0.77 39.06 12.02
N GLY A 251 -0.54 40.38 11.92
CA GLY A 251 -1.59 41.39 11.85
C GLY A 251 -2.06 41.62 10.42
N ASP A 252 -1.13 42.10 9.56
CA ASP A 252 -1.35 42.37 8.14
C ASP A 252 -1.23 41.00 7.40
N GLY A 253 -0.10 40.79 6.71
CA GLY A 253 0.31 39.58 5.99
C GLY A 253 -0.68 38.93 5.03
N TYR A 254 -1.26 39.72 4.11
CA TYR A 254 -2.21 39.26 3.09
C TYR A 254 -1.76 39.90 1.79
N TYR A 255 -1.45 39.09 0.75
CA TYR A 255 -0.94 39.64 -0.52
C TYR A 255 -1.21 38.76 -1.75
N GLY A 256 -1.18 39.40 -2.92
CA GLY A 256 -1.44 38.78 -4.21
C GLY A 256 -0.22 38.57 -5.08
N ARG A 257 -0.46 38.24 -6.38
CA ARG A 257 0.57 37.94 -7.39
C ARG A 257 1.44 39.12 -7.81
N GLU A 258 1.07 40.38 -7.44
CA GLU A 258 1.87 41.58 -7.77
C GLU A 258 3.30 41.44 -7.20
N CYS A 259 3.46 40.64 -6.13
CA CYS A 259 4.78 40.43 -5.50
C CYS A 259 5.79 39.80 -6.47
N ASP A 260 5.30 38.99 -7.41
CA ASP A 260 6.12 38.37 -8.45
C ASP A 260 6.51 39.39 -9.51
N TRP A 261 5.68 40.45 -9.73
CA TRP A 261 5.97 41.51 -10.70
C TRP A 261 7.08 42.45 -10.21
N TRP A 262 7.16 42.67 -8.87
CA TRP A 262 8.23 43.43 -8.22
C TRP A 262 9.57 42.75 -8.58
N SER A 263 9.66 41.44 -8.38
CA SER A 263 10.84 40.65 -8.65
C SER A 263 11.33 40.73 -10.10
N VAL A 264 10.38 40.86 -11.05
CA VAL A 264 10.69 41.03 -12.48
C VAL A 264 11.45 42.35 -12.69
N GLY A 265 10.98 43.42 -12.04
CA GLY A 265 11.61 44.74 -12.09
C GLY A 265 13.03 44.70 -11.54
N VAL A 266 13.25 43.93 -10.46
CA VAL A 266 14.58 43.73 -9.87
C VAL A 266 15.49 43.03 -10.88
N PHE A 267 14.95 41.98 -11.56
CA PHE A 267 15.65 41.19 -12.58
C PHE A 267 16.06 42.06 -13.74
N LEU A 268 15.11 42.90 -14.25
CA LEU A 268 15.37 43.81 -15.37
C LEU A 268 16.49 44.76 -14.98
N TYR A 269 16.35 45.45 -13.82
CA TYR A 269 17.36 46.38 -13.30
C TYR A 269 18.73 45.70 -13.27
N GLU A 270 18.81 44.49 -12.68
CA GLU A 270 20.06 43.75 -12.60
C GLU A 270 20.69 43.51 -13.97
N MET A 271 19.90 43.02 -14.97
CA MET A 271 20.43 42.76 -16.31
C MET A 271 21.05 43.99 -16.98
N LEU A 272 20.37 45.15 -16.89
CA LEU A 272 20.82 46.37 -17.53
C LEU A 272 21.86 47.17 -16.72
N VAL A 273 21.76 47.18 -15.39
CA VAL A 273 22.65 47.96 -14.56
C VAL A 273 23.87 47.15 -14.11
N GLY A 274 23.73 45.85 -13.88
CA GLY A 274 24.84 45.01 -13.45
C GLY A 274 24.86 44.68 -11.97
N ASP A 275 24.00 45.37 -11.19
CA ASP A 275 23.83 45.17 -9.74
C ASP A 275 22.36 45.19 -9.42
N THR A 276 22.00 44.68 -8.21
CA THR A 276 20.62 44.70 -7.72
C THR A 276 20.29 46.11 -7.26
N PRO A 277 19.05 46.62 -7.47
CA PRO A 277 18.77 48.03 -7.13
C PRO A 277 18.87 48.41 -5.67
N PHE A 278 18.73 47.44 -4.79
CA PHE A 278 18.72 47.70 -3.37
C PHE A 278 19.90 47.04 -2.67
N TYR A 279 20.98 46.83 -3.46
CA TYR A 279 22.25 46.29 -3.01
C TYR A 279 22.81 47.22 -1.92
N ALA A 280 23.35 46.62 -0.87
CA ALA A 280 24.03 47.29 0.21
C ALA A 280 25.13 46.34 0.65
N ASP A 281 26.12 46.82 1.44
CA ASP A 281 27.23 45.98 1.91
C ASP A 281 26.70 44.81 2.74
N SER A 282 25.96 45.11 3.82
CA SER A 282 25.30 44.13 4.69
C SER A 282 23.93 43.68 4.10
N LEU A 283 23.48 42.51 4.53
CA LEU A 283 22.19 41.92 4.20
C LEU A 283 21.08 42.80 4.85
N VAL A 284 21.31 43.29 6.09
CA VAL A 284 20.33 44.14 6.77
C VAL A 284 20.19 45.52 6.07
N GLY A 285 21.28 45.98 5.44
CA GLY A 285 21.32 47.22 4.67
C GLY A 285 20.41 47.14 3.46
N THR A 286 20.39 45.95 2.81
CA THR A 286 19.51 45.65 1.68
C THR A 286 18.04 45.74 2.11
N TYR A 287 17.69 45.17 3.28
CA TYR A 287 16.32 45.23 3.84
C TYR A 287 15.82 46.71 4.01
N SER A 288 16.68 47.58 4.53
CA SER A 288 16.41 49.00 4.75
C SER A 288 16.15 49.73 3.41
N LYS A 289 16.96 49.41 2.40
CA LYS A 289 16.86 49.98 1.06
C LYS A 289 15.58 49.57 0.35
N ILE A 290 15.12 48.31 0.49
CA ILE A 290 13.86 47.86 -0.13
C ILE A 290 12.71 48.66 0.51
N MET A 291 12.66 48.67 1.86
CA MET A 291 11.62 49.37 2.60
C MET A 291 11.58 50.85 2.23
N ASN A 292 12.72 51.39 1.79
CA ASN A 292 12.82 52.80 1.38
C ASN A 292 13.01 52.95 -0.14
N HIS A 293 12.43 52.04 -0.94
CA HIS A 293 12.54 52.04 -2.40
C HIS A 293 12.23 53.41 -3.08
N LYS A 294 11.28 54.18 -2.51
CA LYS A 294 10.88 55.47 -3.07
C LYS A 294 12.09 56.43 -3.21
N ASN A 295 13.03 56.37 -2.24
CA ASN A 295 14.23 57.22 -2.19
C ASN A 295 15.52 56.52 -2.54
N SER A 296 15.57 55.18 -2.40
CA SER A 296 16.78 54.40 -2.66
C SER A 296 16.98 53.95 -4.11
N LEU A 297 15.88 53.81 -4.90
CA LEU A 297 15.98 53.38 -6.30
C LEU A 297 16.53 54.53 -7.16
N THR A 298 17.74 54.33 -7.72
CA THR A 298 18.43 55.29 -8.58
C THR A 298 19.11 54.59 -9.76
N PHE A 299 19.49 55.37 -10.76
CA PHE A 299 20.16 54.86 -11.95
C PHE A 299 21.53 55.54 -12.09
N PRO A 300 22.56 54.79 -12.54
CA PRO A 300 23.87 55.43 -12.72
C PRO A 300 23.91 56.27 -14.02
N ASP A 301 25.01 57.05 -14.21
CA ASP A 301 25.16 57.82 -15.44
C ASP A 301 26.23 57.25 -16.36
N ASP A 304 22.77 55.36 -21.21
CA ASP A 304 22.88 53.94 -21.57
C ASP A 304 21.49 53.23 -21.59
N ILE A 305 20.79 53.13 -20.42
CA ILE A 305 19.45 52.50 -20.33
C ILE A 305 18.41 53.46 -20.95
N SER A 306 17.55 52.92 -21.83
CA SER A 306 16.51 53.66 -22.54
C SER A 306 15.42 54.22 -21.64
N LYS A 307 14.65 55.20 -22.17
CA LYS A 307 13.52 55.82 -21.49
C LYS A 307 12.55 54.73 -21.01
N GLU A 308 12.13 53.83 -21.94
CA GLU A 308 11.18 52.73 -21.75
C GLU A 308 11.62 51.67 -20.77
N ALA A 309 12.92 51.30 -20.79
CA ALA A 309 13.45 50.29 -19.87
C ALA A 309 13.39 50.85 -18.45
N LYS A 310 13.85 52.12 -18.25
CA LYS A 310 13.78 52.84 -16.98
C LYS A 310 12.34 52.94 -16.49
N ASN A 311 11.36 53.15 -17.39
CA ASN A 311 9.95 53.27 -17.03
C ASN A 311 9.36 51.96 -16.50
N LEU A 312 9.65 50.83 -17.18
CA LEU A 312 9.16 49.51 -16.78
C LEU A 312 9.71 49.18 -15.41
N ILE A 313 11.03 49.42 -15.20
CA ILE A 313 11.67 49.14 -13.92
C ILE A 313 10.91 49.88 -12.80
N CYS A 314 10.69 51.20 -12.99
CA CYS A 314 10.00 52.03 -12.03
C CYS A 314 8.52 51.67 -11.85
N ALA A 315 7.88 51.15 -12.92
CA ALA A 315 6.48 50.72 -12.91
C ALA A 315 6.29 49.46 -12.04
N PHE A 316 7.33 48.62 -11.93
CA PHE A 316 7.30 47.40 -11.11
C PHE A 316 7.86 47.68 -9.71
N LEU A 317 8.88 48.56 -9.61
CA LEU A 317 9.56 48.90 -8.36
C LEU A 317 8.86 50.04 -7.60
N THR A 318 7.53 49.86 -7.39
CA THR A 318 6.62 50.79 -6.71
C THR A 318 5.73 50.03 -5.69
N ASP A 319 4.92 50.76 -4.92
CA ASP A 319 4.00 50.13 -3.96
C ASP A 319 2.95 49.33 -4.72
N ARG A 320 2.56 48.17 -4.16
CA ARG A 320 1.61 47.21 -4.75
C ARG A 320 0.37 47.84 -5.36
N GLU A 321 -0.17 48.88 -4.70
CA GLU A 321 -1.40 49.58 -5.08
C GLU A 321 -1.27 50.38 -6.39
N VAL A 322 -0.04 50.68 -6.85
CA VAL A 322 0.20 51.45 -8.07
C VAL A 322 1.12 50.70 -9.06
N ARG A 323 1.47 49.45 -8.71
CA ARG A 323 2.35 48.58 -9.49
C ARG A 323 1.74 48.08 -10.81
N LEU A 324 2.54 48.05 -11.90
CA LEU A 324 2.10 47.51 -13.18
C LEU A 324 1.85 46.02 -12.98
N GLY A 325 0.71 45.55 -13.47
CA GLY A 325 0.29 44.17 -13.30
C GLY A 325 -0.78 43.97 -12.25
N ARG A 326 -1.15 45.04 -11.50
CA ARG A 326 -2.21 45.01 -10.47
C ARG A 326 -3.54 44.70 -11.16
N ASN A 327 -3.64 45.08 -12.46
CA ASN A 327 -4.80 44.91 -13.32
C ASN A 327 -4.61 43.79 -14.37
N GLY A 328 -3.66 42.88 -14.12
CA GLY A 328 -3.40 41.75 -15.01
C GLY A 328 -2.21 41.91 -15.94
N VAL A 329 -1.88 40.84 -16.68
CA VAL A 329 -0.73 40.79 -17.60
C VAL A 329 -0.85 41.69 -18.82
N GLU A 330 -2.05 41.83 -19.38
CA GLU A 330 -2.17 42.61 -20.60
C GLU A 330 -1.62 44.04 -20.46
N GLU A 331 -1.66 44.67 -19.24
CA GLU A 331 -1.06 46.00 -19.07
C GLU A 331 0.48 45.91 -19.11
N ILE A 332 1.09 44.76 -18.68
CA ILE A 332 2.56 44.52 -18.71
C ILE A 332 2.98 44.31 -20.17
N LYS A 333 2.28 43.37 -20.86
CA LYS A 333 2.50 43.03 -22.26
C LYS A 333 2.45 44.22 -23.19
N ARG A 334 1.52 45.16 -22.94
CA ARG A 334 1.35 46.37 -23.74
C ARG A 334 2.40 47.45 -23.44
N HIS A 335 3.25 47.29 -22.36
CA HIS A 335 4.26 48.32 -22.03
C HIS A 335 5.19 48.55 -23.22
N LEU A 336 5.43 49.83 -23.53
CA LEU A 336 6.25 50.25 -24.67
C LEU A 336 7.64 49.59 -24.72
N PHE A 337 8.18 49.18 -23.55
CA PHE A 337 9.49 48.52 -23.50
C PHE A 337 9.50 47.28 -24.38
N PHE A 338 8.40 46.54 -24.45
CA PHE A 338 8.36 45.33 -25.25
C PHE A 338 8.13 45.56 -26.74
N LYS A 339 7.81 46.83 -27.16
CA LYS A 339 7.59 47.19 -28.56
C LYS A 339 8.85 46.81 -29.38
N ASN A 340 8.68 45.85 -30.31
CA ASN A 340 9.75 45.35 -31.16
C ASN A 340 9.23 44.76 -32.50
N ASP A 341 10.13 44.68 -33.49
CA ASP A 341 9.85 44.15 -34.82
C ASP A 341 10.59 42.81 -35.05
N GLN A 342 10.78 42.01 -33.97
CA GLN A 342 11.46 40.71 -34.04
C GLN A 342 10.55 39.56 -33.60
N TRP A 343 9.76 39.73 -32.54
CA TRP A 343 8.86 38.69 -32.03
C TRP A 343 7.50 39.22 -31.64
N ALA A 344 6.56 38.28 -31.45
CA ALA A 344 5.19 38.51 -31.00
C ALA A 344 4.99 37.65 -29.75
N TRP A 345 4.25 38.16 -28.76
CA TRP A 345 4.01 37.44 -27.51
C TRP A 345 3.55 36.00 -27.70
N GLU A 346 2.56 35.81 -28.57
CA GLU A 346 1.95 34.53 -28.88
C GLU A 346 2.86 33.54 -29.61
N THR A 347 4.06 33.97 -30.03
CA THR A 347 4.92 33.14 -30.84
C THR A 347 6.39 33.12 -30.35
N LEU A 348 6.65 33.88 -29.28
CA LEU A 348 7.96 34.11 -28.71
C LEU A 348 8.82 32.84 -28.55
N ARG A 349 8.28 31.76 -27.96
CA ARG A 349 9.11 30.57 -27.75
C ARG A 349 9.42 29.77 -29.04
N ASP A 350 8.93 30.26 -30.18
CA ASP A 350 9.20 29.65 -31.48
C ASP A 350 10.28 30.42 -32.22
N THR A 351 10.64 31.61 -31.71
CA THR A 351 11.69 32.45 -32.29
C THR A 351 13.06 31.92 -31.85
N VAL A 352 14.12 32.37 -32.51
CA VAL A 352 15.49 31.97 -32.18
C VAL A 352 16.00 32.85 -30.99
N ALA A 353 16.45 32.18 -29.92
CA ALA A 353 16.88 32.84 -28.69
C ALA A 353 18.15 33.71 -28.89
N PRO A 354 18.36 34.81 -28.10
CA PRO A 354 19.60 35.60 -28.25
C PRO A 354 20.89 34.82 -28.08
N VAL A 355 20.92 33.82 -27.19
CA VAL A 355 22.11 32.97 -26.97
C VAL A 355 21.72 31.50 -27.15
N VAL A 356 22.20 30.88 -28.24
CA VAL A 356 21.88 29.46 -28.47
C VAL A 356 22.97 28.57 -27.89
N PRO A 357 22.69 27.74 -26.83
CA PRO A 357 23.75 26.91 -26.26
C PRO A 357 24.55 26.15 -27.34
N ASP A 358 25.88 26.12 -27.22
CA ASP A 358 26.75 25.36 -28.10
C ASP A 358 27.26 24.23 -27.22
N LEU A 359 26.61 23.06 -27.34
CA LEU A 359 26.87 21.91 -26.47
C LEU A 359 27.54 20.76 -27.21
N SER A 360 28.58 20.19 -26.55
CA SER A 360 29.42 19.11 -27.01
C SER A 360 28.77 17.73 -26.93
N SER A 361 27.87 17.50 -25.95
CA SER A 361 27.24 16.20 -25.74
C SER A 361 25.96 16.32 -24.93
N ASP A 362 25.27 15.18 -24.72
CA ASP A 362 24.04 15.09 -23.91
C ASP A 362 24.33 15.32 -22.43
N ILE A 363 25.60 15.17 -22.01
CA ILE A 363 26.05 15.39 -20.62
C ILE A 363 27.00 16.61 -20.49
N ASP A 364 26.96 17.57 -21.45
CA ASP A 364 27.77 18.79 -21.42
C ASP A 364 27.33 19.62 -20.20
N THR A 365 28.28 20.01 -19.32
CA THR A 365 27.98 20.79 -18.10
C THR A 365 28.72 22.14 -18.03
N SER A 366 29.24 22.62 -19.17
CA SER A 366 30.01 23.87 -19.29
C SER A 366 29.35 25.13 -18.70
N ASN A 367 28.01 25.15 -18.63
CA ASN A 367 27.21 26.26 -18.10
C ASN A 367 26.98 26.08 -16.60
N PHE A 368 27.61 25.09 -16.00
CA PHE A 368 27.46 24.80 -14.56
C PHE A 368 28.79 24.95 -13.85
N ASP A 369 28.83 25.86 -12.87
CA ASP A 369 30.07 26.13 -12.17
C ASP A 369 30.38 24.97 -11.22
N ASP A 370 31.63 24.50 -11.32
CA ASP A 370 32.26 23.40 -10.62
C ASP A 370 31.91 23.30 -9.10
N LEU A 371 31.26 22.19 -8.68
CA LEU A 371 30.87 21.99 -7.28
C LEU A 371 31.56 20.78 -6.64
N GLU A 372 31.88 20.87 -5.33
CA GLU A 372 32.55 19.80 -4.58
C GLU A 372 31.69 18.54 -4.40
N GLU A 378 26.61 12.06 5.70
CA GLU A 378 25.67 13.02 6.29
C GLU A 378 24.99 12.49 7.56
N GLU A 379 24.41 13.40 8.36
CA GLU A 379 23.73 12.98 9.57
C GLU A 379 22.26 12.74 9.30
N THR A 380 21.78 11.64 9.87
CA THR A 380 20.46 11.04 9.81
C THR A 380 19.83 11.12 11.20
N PHE A 381 18.51 10.78 11.29
CA PHE A 381 17.79 10.73 12.57
C PHE A 381 18.40 9.59 13.42
N PRO A 382 18.51 9.70 14.76
CA PRO A 382 19.09 8.59 15.53
C PRO A 382 18.21 7.34 15.48
N ILE A 383 18.71 6.22 16.06
CA ILE A 383 17.98 4.95 16.15
C ILE A 383 16.90 5.17 17.24
N PRO A 384 15.60 5.17 16.87
CA PRO A 384 14.56 5.44 17.88
C PRO A 384 14.39 4.37 18.95
N LYS A 385 14.14 4.84 20.16
CA LYS A 385 13.96 3.98 21.32
C LYS A 385 12.52 3.49 21.38
N ALA A 386 11.59 4.25 20.76
CA ALA A 386 10.15 3.98 20.64
C ALA A 386 9.72 4.36 19.19
N PHE A 387 8.46 4.11 18.80
CA PHE A 387 7.97 4.45 17.45
C PHE A 387 7.85 5.96 17.32
N VAL A 388 8.55 6.54 16.31
CA VAL A 388 8.57 8.00 16.06
C VAL A 388 7.89 8.38 14.74
N GLY A 389 7.87 7.48 13.76
CA GLY A 389 7.22 7.70 12.47
C GLY A 389 7.82 8.77 11.57
N ASN A 390 9.15 8.82 11.45
CA ASN A 390 9.82 9.83 10.63
C ASN A 390 9.53 9.74 9.12
N GLN A 391 9.14 8.56 8.60
CA GLN A 391 8.82 8.40 7.18
C GLN A 391 7.39 8.84 6.81
N LEU A 392 6.53 9.05 7.81
CA LEU A 392 5.11 9.39 7.62
C LEU A 392 4.86 10.72 6.87
N PRO A 393 5.57 11.85 7.12
CA PRO A 393 5.26 13.09 6.38
C PRO A 393 5.55 13.10 4.86
N PHE A 394 6.13 12.00 4.38
CA PHE A 394 6.58 11.79 3.00
C PHE A 394 5.78 10.70 2.23
N VAL A 395 4.77 10.10 2.89
CA VAL A 395 3.91 9.08 2.27
C VAL A 395 3.11 9.73 1.14
N GLY A 396 3.27 9.15 -0.05
CA GLY A 396 2.59 9.63 -1.25
C GLY A 396 3.38 10.57 -2.14
N PHE A 397 4.68 10.81 -1.83
CA PHE A 397 5.56 11.68 -2.62
C PHE A 397 5.92 11.02 -3.93
N THR A 398 5.97 9.68 -3.95
CA THR A 398 6.29 8.94 -5.17
C THR A 398 5.37 9.29 -6.33
N TYR A 399 5.97 9.57 -7.49
CA TYR A 399 5.34 9.80 -8.78
C TYR A 399 6.02 8.79 -9.69
N TYR A 400 5.44 7.55 -9.76
CA TYR A 400 6.00 6.44 -10.57
C TYR A 400 4.93 5.45 -11.10
N SER A 401 4.23 4.78 -10.18
CA SER A 401 3.21 3.79 -10.56
C SER A 401 1.92 4.41 -11.09
N ASN A 402 1.56 5.66 -10.67
CA ASN A 402 0.34 6.34 -11.13
C ASN A 402 0.63 7.71 -11.66
N ARG A 403 1.15 7.76 -12.88
CA ARG A 403 1.52 9.00 -13.56
C ARG A 403 0.50 9.43 -14.61
N ARG A 404 0.38 10.74 -14.84
CA ARG A 404 -0.48 11.28 -15.89
C ARG A 404 0.32 11.11 -17.19
N TYR A 405 -0.34 10.89 -18.36
CA TYR A 405 0.39 10.63 -19.62
C TYR A 405 -0.07 11.50 -20.79
N MET B 5 17.02 -7.40 -16.44
CA MET B 5 15.67 -6.87 -16.65
C MET B 5 15.69 -5.41 -17.08
N SER B 6 14.84 -5.09 -18.03
CA SER B 6 14.66 -3.75 -18.58
C SER B 6 13.82 -2.89 -17.62
N PHE B 7 13.74 -1.56 -17.92
CA PHE B 7 12.94 -0.59 -17.17
C PHE B 7 11.45 -0.93 -17.30
N GLU B 8 11.01 -1.26 -18.52
CA GLU B 8 9.63 -1.64 -18.81
C GLU B 8 9.27 -2.94 -18.08
N THR B 9 10.16 -3.96 -18.13
CA THR B 9 9.95 -5.24 -17.43
C THR B 9 9.71 -4.99 -15.94
N ARG B 10 10.60 -4.20 -15.29
CA ARG B 10 10.51 -3.83 -13.86
C ARG B 10 9.19 -3.11 -13.55
N PHE B 11 8.75 -2.21 -14.47
CA PHE B 11 7.51 -1.45 -14.31
C PHE B 11 6.31 -2.40 -14.38
N GLU B 12 6.36 -3.35 -15.34
CA GLU B 12 5.30 -4.32 -15.58
C GLU B 12 5.18 -5.33 -14.45
N LYS B 13 6.32 -5.89 -13.98
CA LYS B 13 6.38 -6.85 -12.87
C LYS B 13 5.75 -6.21 -11.63
N MET B 14 6.09 -4.94 -11.36
CA MET B 14 5.54 -4.15 -10.26
C MET B 14 4.02 -3.93 -10.41
N ASP B 15 3.57 -3.67 -11.65
CA ASP B 15 2.15 -3.43 -11.93
C ASP B 15 1.31 -4.69 -11.76
N ASN B 16 1.86 -5.84 -12.20
CA ASN B 16 1.17 -7.11 -12.09
C ASN B 16 1.07 -7.54 -10.65
N LEU B 17 2.06 -7.18 -9.81
CA LEU B 17 2.11 -7.44 -8.36
C LEU B 17 1.00 -6.71 -7.60
N LEU B 18 0.51 -5.60 -8.13
CA LEU B 18 -0.57 -4.82 -7.52
C LEU B 18 -1.96 -5.39 -7.85
N ARG B 19 -2.01 -6.29 -8.85
CA ARG B 19 -3.22 -6.89 -9.41
C ARG B 19 -3.42 -8.35 -9.04
N ASP B 20 -2.32 -9.09 -8.80
CA ASP B 20 -2.30 -10.52 -8.51
C ASP B 20 -3.07 -10.86 -7.23
N PRO B 21 -4.15 -11.68 -7.32
CA PRO B 21 -4.88 -12.05 -6.10
C PRO B 21 -4.06 -12.91 -5.13
N LYS B 22 -2.89 -13.44 -5.57
CA LYS B 22 -2.01 -14.21 -4.69
C LYS B 22 -0.81 -13.37 -4.19
N SER B 23 -0.78 -12.08 -4.57
CA SER B 23 0.30 -11.19 -4.15
C SER B 23 0.13 -10.65 -2.72
N GLU B 24 1.26 -10.58 -1.98
CA GLU B 24 1.31 -10.02 -0.63
C GLU B 24 1.22 -8.47 -0.67
N VAL B 25 1.49 -7.87 -1.85
CA VAL B 25 1.45 -6.43 -2.05
C VAL B 25 0.42 -5.97 -3.07
N ASN B 26 -0.67 -6.71 -3.25
CA ASN B 26 -1.66 -6.19 -4.19
C ASN B 26 -2.50 -5.08 -3.51
N SER B 27 -3.31 -4.36 -4.30
CA SER B 27 -4.07 -3.19 -3.85
C SER B 27 -4.79 -3.37 -2.50
N ASP B 28 -5.54 -4.49 -2.34
CA ASP B 28 -6.31 -4.79 -1.13
C ASP B 28 -5.46 -4.99 0.11
N CYS B 29 -4.30 -5.67 -0.01
CA CYS B 29 -3.38 -5.84 1.10
C CYS B 29 -2.73 -4.49 1.42
N LEU B 30 -2.32 -3.68 0.38
CA LEU B 30 -1.76 -2.33 0.58
C LEU B 30 -2.76 -1.40 1.29
N LEU B 31 -4.06 -1.53 0.97
CA LEU B 31 -5.10 -0.77 1.65
C LEU B 31 -5.22 -1.22 3.12
N ASP B 32 -5.03 -2.54 3.40
CA ASP B 32 -5.09 -3.09 4.78
C ASP B 32 -4.00 -2.46 5.62
N GLY B 33 -2.81 -2.30 5.01
CA GLY B 33 -1.63 -1.70 5.62
C GLY B 33 -1.87 -0.29 6.11
N LEU B 34 -2.57 0.49 5.33
CA LEU B 34 -2.91 1.87 5.65
C LEU B 34 -4.07 1.93 6.66
N ASP B 35 -5.04 1.01 6.51
CA ASP B 35 -6.18 0.92 7.42
C ASP B 35 -5.71 0.56 8.86
N ALA B 36 -4.66 -0.29 8.95
CA ALA B 36 -4.02 -0.74 10.18
C ALA B 36 -3.35 0.42 10.90
N LEU B 37 -2.54 1.21 10.15
CA LEU B 37 -1.79 2.38 10.60
C LEU B 37 -2.72 3.41 11.23
N VAL B 38 -3.79 3.77 10.51
CA VAL B 38 -4.80 4.74 10.97
C VAL B 38 -5.53 4.23 12.23
N TYR B 39 -5.83 2.89 12.33
CA TYR B 39 -6.49 2.30 13.51
C TYR B 39 -5.53 2.36 14.74
N ASP B 40 -4.29 1.85 14.56
CA ASP B 40 -3.21 1.73 15.55
C ASP B 40 -2.52 3.05 15.99
N LEU B 41 -2.79 4.18 15.29
CA LEU B 41 -2.20 5.46 15.65
C LEU B 41 -3.21 6.45 16.21
N ASP B 42 -4.52 6.32 15.87
CA ASP B 42 -5.52 7.28 16.35
C ASP B 42 -5.84 7.16 17.86
N PHE B 43 -4.90 7.63 18.70
CA PHE B 43 -4.97 7.67 20.15
C PHE B 43 -4.32 8.95 20.61
N PRO B 44 -4.98 9.71 21.52
CA PRO B 44 -4.43 11.01 21.95
C PRO B 44 -2.97 11.01 22.40
N ALA B 45 -2.54 9.95 23.11
CA ALA B 45 -1.19 9.73 23.61
C ALA B 45 -0.14 9.76 22.48
N LEU B 46 -0.41 9.00 21.39
CA LEU B 46 0.44 8.88 20.21
C LEU B 46 0.42 10.15 19.33
N ARG B 47 -0.74 10.84 19.32
CA ARG B 47 -0.99 12.07 18.57
C ARG B 47 -0.15 13.26 19.08
N LYS B 48 0.48 13.12 20.26
CA LYS B 48 1.37 14.13 20.84
C LYS B 48 2.58 14.29 19.92
N ASN B 49 2.88 13.24 19.11
CA ASN B 49 3.94 13.20 18.10
C ASN B 49 3.34 13.79 16.81
N LYS B 50 3.89 14.94 16.34
CA LYS B 50 3.39 15.64 15.16
C LYS B 50 3.50 14.85 13.85
N ASN B 51 4.50 13.94 13.71
CA ASN B 51 4.61 13.10 12.52
C ASN B 51 3.31 12.30 12.37
N ILE B 52 2.88 11.64 13.49
CA ILE B 52 1.66 10.85 13.63
C ILE B 52 0.42 11.75 13.49
N ASP B 53 0.40 12.89 14.23
CA ASP B 53 -0.74 13.81 14.23
C ASP B 53 -1.05 14.40 12.85
N ASN B 54 -0.01 14.81 12.12
CA ASN B 54 -0.18 15.40 10.79
C ASN B 54 -0.61 14.35 9.80
N PHE B 55 -0.01 13.14 9.87
CA PHE B 55 -0.34 12.03 8.99
C PHE B 55 -1.83 11.68 9.12
N LEU B 56 -2.32 11.48 10.34
CA LEU B 56 -3.71 11.17 10.64
C LEU B 56 -4.65 12.25 10.17
N SER B 57 -4.24 13.52 10.27
CA SER B 57 -5.07 14.64 9.83
C SER B 57 -5.15 14.68 8.30
N ARG B 58 -4.03 14.35 7.64
CA ARG B 58 -3.89 14.29 6.19
C ARG B 58 -4.75 13.16 5.57
N TYR B 59 -4.87 12.03 6.29
CA TYR B 59 -5.60 10.90 5.78
C TYR B 59 -7.02 10.75 6.34
N LYS B 60 -7.47 11.69 7.19
CA LYS B 60 -8.80 11.67 7.82
C LYS B 60 -9.95 11.40 6.82
N ASP B 61 -10.23 12.37 5.92
CA ASP B 61 -11.33 12.29 4.94
C ASP B 61 -11.27 11.04 4.06
N THR B 62 -10.06 10.72 3.54
CA THR B 62 -9.75 9.60 2.64
C THR B 62 -10.04 8.25 3.29
N ILE B 63 -9.46 8.00 4.49
CA ILE B 63 -9.64 6.74 5.20
C ILE B 63 -11.13 6.51 5.54
N ASN B 64 -11.90 7.58 5.74
CA ASN B 64 -13.34 7.48 5.99
C ASN B 64 -14.05 6.95 4.73
N LYS B 65 -13.70 7.52 3.56
CA LYS B 65 -14.22 7.17 2.24
C LYS B 65 -13.95 5.69 1.97
N ILE B 66 -12.66 5.27 2.05
CA ILE B 66 -12.15 3.91 1.85
C ILE B 66 -12.93 2.92 2.72
N ARG B 67 -13.08 3.24 4.02
CA ARG B 67 -13.82 2.44 5.00
C ARG B 67 -15.29 2.21 4.58
N ASP B 68 -15.91 3.26 4.07
CA ASP B 68 -17.28 3.24 3.61
C ASP B 68 -17.47 2.48 2.28
N LEU B 69 -16.51 2.62 1.32
CA LEU B 69 -16.59 1.98 0.00
C LEU B 69 -16.28 0.51 0.00
N ARG B 70 -15.21 0.10 0.72
CA ARG B 70 -14.82 -1.30 0.79
C ARG B 70 -15.89 -2.12 1.54
N MET B 71 -16.00 -3.43 1.20
CA MET B 71 -16.89 -4.40 1.84
C MET B 71 -16.70 -4.32 3.34
N LYS B 72 -17.84 -4.31 4.07
CA LYS B 72 -17.98 -4.16 5.51
C LYS B 72 -19.10 -5.07 5.99
N ALA B 73 -19.16 -5.33 7.32
CA ALA B 73 -20.13 -6.24 7.94
C ALA B 73 -21.58 -5.83 7.75
N GLU B 74 -21.86 -4.51 7.69
CA GLU B 74 -23.21 -3.97 7.52
C GLU B 74 -23.76 -4.14 6.09
N ASP B 75 -23.01 -4.81 5.20
CA ASP B 75 -23.47 -5.10 3.83
C ASP B 75 -24.26 -6.41 3.88
N TYR B 76 -24.08 -7.16 4.98
CA TYR B 76 -24.71 -8.46 5.22
C TYR B 76 -25.78 -8.44 6.31
N GLU B 77 -26.93 -9.03 5.96
CA GLU B 77 -28.12 -9.28 6.79
C GLU B 77 -27.91 -10.72 7.34
N VAL B 78 -27.81 -10.86 8.68
CA VAL B 78 -27.57 -12.17 9.32
C VAL B 78 -28.91 -12.91 9.60
N VAL B 79 -29.05 -14.09 8.97
CA VAL B 79 -30.23 -14.96 8.99
C VAL B 79 -30.26 -15.85 10.24
N LYS B 80 -29.16 -16.58 10.52
CA LYS B 80 -29.05 -17.50 11.66
C LYS B 80 -27.58 -17.81 11.99
N VAL B 81 -27.26 -18.04 13.29
CA VAL B 81 -25.92 -18.45 13.70
C VAL B 81 -25.91 -19.97 13.50
N ILE B 82 -25.01 -20.46 12.63
CA ILE B 82 -24.97 -21.90 12.31
C ILE B 82 -23.63 -22.54 12.75
N GLY B 83 -23.02 -22.01 13.81
CA GLY B 83 -21.74 -22.50 14.32
C GLY B 83 -21.06 -21.54 15.26
N ARG B 84 -20.35 -22.09 16.27
CA ARG B 84 -19.66 -21.32 17.30
C ARG B 84 -18.32 -21.98 17.68
N GLY B 85 -17.42 -21.16 18.23
CA GLY B 85 -16.08 -21.55 18.67
C GLY B 85 -15.51 -20.55 19.66
N ALA B 86 -14.38 -20.92 20.29
CA ALA B 86 -13.67 -20.10 21.28
C ALA B 86 -13.35 -18.69 20.75
N PHE B 87 -13.00 -18.58 19.46
CA PHE B 87 -12.60 -17.33 18.83
C PHE B 87 -13.60 -16.78 17.84
N GLY B 88 -14.77 -17.38 17.72
CA GLY B 88 -15.74 -16.85 16.78
C GLY B 88 -16.98 -17.65 16.49
N GLU B 89 -17.64 -17.32 15.40
CA GLU B 89 -18.88 -17.97 15.01
C GLU B 89 -19.08 -17.95 13.54
N VAL B 90 -19.82 -18.94 13.03
CA VAL B 90 -20.20 -19.07 11.63
C VAL B 90 -21.67 -18.68 11.55
N GLN B 91 -22.06 -17.88 10.54
CA GLN B 91 -23.47 -17.50 10.40
C GLN B 91 -23.97 -17.48 8.94
N LEU B 92 -25.24 -17.90 8.74
CA LEU B 92 -25.88 -17.84 7.43
C LEU B 92 -26.29 -16.36 7.20
N VAL B 93 -25.78 -15.75 6.11
CA VAL B 93 -26.00 -14.34 5.79
C VAL B 93 -26.57 -14.11 4.38
N ARG B 94 -27.16 -12.92 4.17
CA ARG B 94 -27.66 -12.48 2.87
C ARG B 94 -27.05 -11.11 2.58
N HIS B 95 -26.34 -10.97 1.45
CA HIS B 95 -25.74 -9.71 1.02
C HIS B 95 -26.90 -8.79 0.61
N LYS B 96 -27.17 -7.75 1.42
CA LYS B 96 -28.30 -6.81 1.25
C LYS B 96 -28.49 -6.28 -0.19
N SER B 97 -27.39 -5.93 -0.91
CA SER B 97 -27.47 -5.43 -2.30
C SER B 97 -27.79 -6.55 -3.33
N THR B 98 -26.86 -7.52 -3.51
CA THR B 98 -26.98 -8.63 -4.47
C THR B 98 -28.11 -9.63 -4.15
N ARG B 99 -28.54 -9.68 -2.87
CA ARG B 99 -29.56 -10.58 -2.29
C ARG B 99 -29.07 -12.03 -2.24
N LYS B 100 -27.78 -12.23 -2.55
CA LYS B 100 -27.10 -13.53 -2.56
C LYS B 100 -26.87 -14.08 -1.14
N VAL B 101 -27.07 -15.41 -0.98
CA VAL B 101 -26.95 -16.14 0.30
C VAL B 101 -25.59 -16.86 0.45
N TYR B 102 -24.90 -16.56 1.58
CA TYR B 102 -23.59 -17.13 1.88
C TYR B 102 -23.52 -17.57 3.33
N ALA B 103 -22.42 -18.24 3.67
CA ALA B 103 -22.02 -18.60 5.01
C ALA B 103 -20.84 -17.67 5.30
N MET B 104 -20.81 -17.08 6.51
CA MET B 104 -19.75 -16.16 6.93
C MET B 104 -19.15 -16.63 8.23
N LYS B 105 -17.81 -16.86 8.25
CA LYS B 105 -17.06 -17.21 9.46
C LYS B 105 -16.38 -15.93 9.97
N LEU B 106 -16.66 -15.60 11.25
CA LEU B 106 -16.14 -14.44 12.00
C LEU B 106 -15.09 -14.87 13.03
N LEU B 107 -13.99 -14.08 13.16
CA LEU B 107 -12.93 -14.36 14.14
C LEU B 107 -12.56 -13.11 14.91
N SER B 108 -12.72 -13.13 16.26
CA SER B 108 -12.41 -11.97 17.13
C SER B 108 -10.91 -11.68 17.22
N LYS B 109 -10.51 -10.47 16.74
CA LYS B 109 -9.12 -10.01 16.79
C LYS B 109 -8.67 -9.88 18.25
N PHE B 110 -9.54 -9.33 19.12
CA PHE B 110 -9.17 -9.20 20.53
C PHE B 110 -8.86 -10.56 21.13
N GLU B 111 -9.76 -11.53 20.91
CA GLU B 111 -9.60 -12.87 21.41
C GLU B 111 -8.30 -13.52 20.88
N MET B 112 -7.98 -13.34 19.57
CA MET B 112 -6.75 -13.87 18.97
C MET B 112 -5.46 -13.22 19.52
N ILE B 113 -5.50 -11.94 19.92
CA ILE B 113 -4.32 -11.28 20.50
C ILE B 113 -4.16 -11.78 21.96
N LYS B 114 -5.30 -11.88 22.69
CA LYS B 114 -5.35 -12.31 24.09
C LYS B 114 -4.81 -13.72 24.26
N ARG B 115 -5.37 -14.69 23.54
CA ARG B 115 -4.96 -16.09 23.67
C ARG B 115 -3.86 -16.50 22.68
N SER B 116 -3.11 -15.50 22.09
CA SER B 116 -2.03 -15.65 21.09
C SER B 116 -2.53 -16.47 19.89
N ASP B 117 -1.64 -17.17 19.15
CA ASP B 117 -2.04 -18.08 18.05
C ASP B 117 -2.57 -17.38 16.77
N SER B 118 -2.48 -16.00 16.67
CA SER B 118 -3.04 -15.17 15.54
C SER B 118 -2.33 -15.37 14.17
N ALA B 119 -2.31 -16.62 13.65
CA ALA B 119 -1.69 -17.00 12.38
C ALA B 119 -2.39 -18.18 11.65
N PHE B 120 -3.24 -18.97 12.37
CA PHE B 120 -3.98 -20.14 11.85
C PHE B 120 -5.00 -19.84 10.72
N PHE B 121 -5.52 -18.60 10.71
CA PHE B 121 -6.51 -18.13 9.73
C PHE B 121 -5.95 -18.02 8.30
N TRP B 122 -4.63 -17.84 8.14
CA TRP B 122 -3.97 -17.69 6.83
C TRP B 122 -4.17 -18.90 5.92
N GLU B 123 -3.82 -20.12 6.40
CA GLU B 123 -3.99 -21.35 5.61
C GLU B 123 -5.47 -21.59 5.25
N GLU B 124 -6.41 -21.33 6.18
CA GLU B 124 -7.85 -21.44 5.86
C GLU B 124 -8.24 -20.42 4.77
N ARG B 125 -7.64 -19.21 4.77
CA ARG B 125 -7.94 -18.20 3.78
C ARG B 125 -7.48 -18.66 2.39
N ASP B 126 -6.21 -19.08 2.28
CA ASP B 126 -5.60 -19.52 1.03
C ASP B 126 -6.24 -20.76 0.44
N ILE B 127 -6.48 -21.78 1.29
CA ILE B 127 -7.12 -23.03 0.87
C ILE B 127 -8.46 -22.73 0.24
N MET B 128 -9.33 -21.97 0.91
CA MET B 128 -10.65 -21.68 0.36
C MET B 128 -10.62 -20.72 -0.84
N ALA B 129 -9.70 -19.73 -0.84
CA ALA B 129 -9.64 -18.76 -1.94
C ALA B 129 -9.12 -19.35 -3.24
N PHE B 130 -8.10 -20.22 -3.16
CA PHE B 130 -7.40 -20.71 -4.33
C PHE B 130 -7.53 -22.21 -4.62
N ALA B 131 -8.17 -23.02 -3.75
CA ALA B 131 -8.28 -24.46 -4.03
C ALA B 131 -8.81 -24.78 -5.40
N ASN B 132 -9.94 -24.13 -5.76
CA ASN B 132 -10.68 -24.31 -7.01
C ASN B 132 -10.90 -25.79 -7.26
N SER B 133 -11.54 -26.45 -6.27
CA SER B 133 -11.83 -27.88 -6.22
C SER B 133 -13.26 -28.12 -5.77
N PRO B 134 -13.98 -29.07 -6.42
CA PRO B 134 -15.32 -29.39 -5.96
C PRO B 134 -15.35 -29.93 -4.52
N TRP B 135 -14.17 -30.31 -3.97
CA TRP B 135 -14.02 -30.90 -2.64
C TRP B 135 -13.73 -29.91 -1.55
N VAL B 136 -13.59 -28.62 -1.90
CA VAL B 136 -13.23 -27.57 -0.97
C VAL B 136 -14.25 -26.43 -1.02
N VAL B 137 -14.81 -26.05 0.15
CA VAL B 137 -15.73 -24.91 0.29
C VAL B 137 -15.00 -23.67 -0.25
N GLN B 138 -15.66 -22.93 -1.13
CA GLN B 138 -15.11 -21.74 -1.80
C GLN B 138 -15.20 -20.47 -0.98
N LEU B 139 -14.14 -19.64 -1.03
CA LEU B 139 -14.08 -18.32 -0.39
C LEU B 139 -14.38 -17.30 -1.50
N PHE B 140 -15.45 -16.50 -1.34
CA PHE B 140 -15.83 -15.49 -2.31
C PHE B 140 -15.18 -14.15 -1.99
N TYR B 141 -15.19 -13.75 -0.71
CA TYR B 141 -14.59 -12.53 -0.21
C TYR B 141 -14.10 -12.74 1.22
N ALA B 142 -13.04 -12.02 1.60
CA ALA B 142 -12.48 -11.99 2.95
C ALA B 142 -12.26 -10.51 3.24
N PHE B 143 -12.80 -10.05 4.36
CA PHE B 143 -12.66 -8.65 4.75
C PHE B 143 -12.42 -8.55 6.26
N GLN B 144 -12.36 -7.33 6.80
CA GLN B 144 -12.06 -7.08 8.22
C GLN B 144 -12.31 -5.61 8.63
N ASP B 145 -12.37 -5.38 9.94
CA ASP B 145 -12.43 -4.08 10.62
C ASP B 145 -11.48 -4.17 11.83
N ASP B 146 -11.45 -3.15 12.69
CA ASP B 146 -10.58 -3.17 13.86
C ASP B 146 -10.86 -4.34 14.83
N ARG B 147 -12.10 -4.89 14.83
CA ARG B 147 -12.59 -5.94 15.72
C ARG B 147 -12.57 -7.38 15.17
N TYR B 148 -13.04 -7.62 13.93
CA TYR B 148 -13.13 -8.98 13.37
C TYR B 148 -12.49 -9.22 12.00
N LEU B 149 -12.39 -10.51 11.63
CA LEU B 149 -12.04 -11.07 10.34
C LEU B 149 -13.35 -11.69 9.80
N TYR B 150 -13.55 -11.66 8.49
CA TYR B 150 -14.79 -12.19 7.89
C TYR B 150 -14.44 -13.01 6.68
N MET B 151 -15.04 -14.20 6.56
CA MET B 151 -14.80 -15.08 5.42
C MET B 151 -16.11 -15.47 4.78
N VAL B 152 -16.44 -14.87 3.61
CA VAL B 152 -17.69 -15.13 2.88
C VAL B 152 -17.51 -16.37 1.98
N MET B 153 -18.28 -17.46 2.27
CA MET B 153 -18.17 -18.78 1.61
C MET B 153 -19.46 -19.24 0.98
N GLU B 154 -19.43 -20.23 0.04
CA GLU B 154 -20.72 -20.76 -0.45
C GLU B 154 -21.31 -21.61 0.61
N TYR B 155 -22.61 -21.42 0.86
CA TYR B 155 -23.37 -22.13 1.90
C TYR B 155 -23.59 -23.56 1.46
N MET B 156 -23.27 -24.49 2.36
CA MET B 156 -23.42 -25.95 2.23
C MET B 156 -24.66 -26.32 3.04
N PRO B 157 -25.85 -26.30 2.40
CA PRO B 157 -27.11 -26.49 3.13
C PRO B 157 -27.41 -27.87 3.70
N GLY B 158 -26.67 -28.90 3.30
CA GLY B 158 -26.90 -30.26 3.77
C GLY B 158 -26.36 -30.59 5.14
N GLY B 159 -25.82 -29.60 5.84
CA GLY B 159 -25.24 -29.77 7.16
C GLY B 159 -23.96 -30.57 7.12
N ASP B 160 -23.53 -31.14 8.25
CA ASP B 160 -22.29 -31.93 8.29
C ASP B 160 -22.54 -33.41 8.56
N LEU B 161 -21.42 -34.19 8.65
CA LEU B 161 -21.46 -35.63 8.91
C LEU B 161 -21.80 -35.97 10.36
N VAL B 162 -21.62 -35.02 11.30
CA VAL B 162 -21.98 -35.21 12.72
C VAL B 162 -23.52 -35.38 12.77
N ASN B 163 -24.21 -34.48 12.10
CA ASN B 163 -25.67 -34.46 12.02
C ASN B 163 -26.18 -35.72 11.37
N LEU B 164 -25.58 -36.13 10.23
CA LEU B 164 -25.99 -37.33 9.51
C LEU B 164 -25.87 -38.60 10.39
N MET B 165 -24.71 -38.75 11.04
CA MET B 165 -24.41 -39.88 11.91
C MET B 165 -25.34 -39.99 13.07
N SER B 166 -25.79 -38.83 13.57
CA SER B 166 -26.73 -38.71 14.69
C SER B 166 -28.19 -39.05 14.29
N ASN B 167 -28.53 -39.02 12.99
CA ASN B 167 -29.88 -39.33 12.49
C ASN B 167 -29.97 -40.68 11.76
N TYR B 168 -28.84 -41.39 11.54
CA TYR B 168 -28.88 -42.66 10.83
C TYR B 168 -27.88 -43.63 11.37
N ASP B 169 -28.23 -44.93 11.38
CA ASP B 169 -27.31 -46.03 11.67
C ASP B 169 -26.73 -46.28 10.25
N VAL B 170 -25.57 -45.70 9.99
CA VAL B 170 -24.96 -45.68 8.67
C VAL B 170 -24.69 -47.08 8.10
N PRO B 171 -25.32 -47.45 6.96
CA PRO B 171 -25.00 -48.74 6.34
C PRO B 171 -23.60 -48.65 5.69
N GLU B 172 -22.93 -49.82 5.52
CA GLU B 172 -21.58 -49.91 4.97
C GLU B 172 -21.45 -49.29 3.59
N LYS B 173 -22.51 -49.43 2.72
CA LYS B 173 -22.49 -48.86 1.36
C LYS B 173 -22.42 -47.32 1.40
N TRP B 174 -23.04 -46.66 2.41
CA TRP B 174 -22.98 -45.20 2.60
C TRP B 174 -21.58 -44.80 3.11
N ALA B 175 -21.06 -45.57 4.10
CA ALA B 175 -19.74 -45.36 4.69
C ALA B 175 -18.66 -45.43 3.63
N ARG B 176 -18.78 -46.38 2.67
CA ARG B 176 -17.84 -46.52 1.56
C ARG B 176 -17.85 -45.23 0.74
N PHE B 177 -19.05 -44.69 0.45
CA PHE B 177 -19.22 -43.46 -0.30
C PHE B 177 -18.53 -42.27 0.38
N TYR B 178 -18.89 -41.97 1.65
CA TYR B 178 -18.34 -40.82 2.42
C TYR B 178 -16.83 -40.94 2.65
N THR B 179 -16.31 -42.15 2.94
CA THR B 179 -14.87 -42.40 3.10
C THR B 179 -14.13 -42.10 1.77
N ALA B 180 -14.65 -42.64 0.65
CA ALA B 180 -14.09 -42.41 -0.68
C ALA B 180 -14.00 -40.90 -1.02
N GLU B 181 -15.08 -40.11 -0.69
CA GLU B 181 -15.12 -38.67 -0.94
C GLU B 181 -14.12 -37.94 -0.07
N VAL B 182 -13.95 -38.39 1.18
CA VAL B 182 -13.00 -37.84 2.16
C VAL B 182 -11.55 -38.10 1.66
N VAL B 183 -11.30 -39.31 1.13
CA VAL B 183 -10.01 -39.68 0.57
C VAL B 183 -9.68 -38.76 -0.63
N LEU B 184 -10.66 -38.49 -1.51
CA LEU B 184 -10.44 -37.62 -2.67
C LEU B 184 -10.26 -36.16 -2.25
N ALA B 185 -11.03 -35.71 -1.24
CA ALA B 185 -10.97 -34.36 -0.73
C ALA B 185 -9.65 -34.08 -0.02
N LEU B 186 -9.18 -35.04 0.81
CA LEU B 186 -7.89 -34.91 1.50
C LEU B 186 -6.75 -34.90 0.53
N ASP B 187 -6.86 -35.71 -0.53
CA ASP B 187 -5.86 -35.77 -1.59
C ASP B 187 -5.73 -34.42 -2.32
N ALA B 188 -6.85 -33.68 -2.51
CA ALA B 188 -6.87 -32.36 -3.14
C ALA B 188 -6.06 -31.38 -2.30
N ILE B 189 -6.29 -31.39 -0.96
CA ILE B 189 -5.59 -30.55 0.02
C ILE B 189 -4.09 -30.89 -0.01
N HIS B 190 -3.75 -32.19 0.00
CA HIS B 190 -2.37 -32.65 -0.03
C HIS B 190 -1.68 -32.12 -1.27
N SER B 191 -2.37 -32.22 -2.43
CA SER B 191 -1.87 -31.74 -3.74
C SER B 191 -1.57 -30.24 -3.76
N MET B 192 -2.17 -29.47 -2.84
CA MET B 192 -1.95 -28.03 -2.68
C MET B 192 -0.78 -27.74 -1.74
N GLY B 193 -0.29 -28.79 -1.08
CA GLY B 193 0.82 -28.67 -0.15
C GLY B 193 0.42 -28.52 1.30
N PHE B 194 -0.80 -28.96 1.65
CA PHE B 194 -1.29 -28.82 3.03
C PHE B 194 -1.62 -30.13 3.69
N ILE B 195 -1.31 -30.21 5.00
CA ILE B 195 -1.68 -31.32 5.88
C ILE B 195 -2.77 -30.74 6.78
N HIS B 196 -3.98 -31.37 6.76
CA HIS B 196 -5.15 -30.93 7.55
C HIS B 196 -4.90 -31.00 9.07
N ARG B 197 -4.39 -32.17 9.55
CA ARG B 197 -3.99 -32.50 10.93
C ARG B 197 -5.17 -33.00 11.86
N ASP B 198 -6.35 -32.36 11.87
CA ASP B 198 -7.47 -32.77 12.73
C ASP B 198 -8.80 -32.90 11.94
N VAL B 199 -8.84 -33.90 11.04
CA VAL B 199 -9.99 -34.18 10.18
C VAL B 199 -11.06 -34.89 11.01
N LYS B 200 -12.26 -34.35 11.03
CA LYS B 200 -13.35 -34.92 11.81
C LYS B 200 -14.68 -34.69 11.10
N PRO B 201 -15.77 -35.43 11.42
CA PRO B 201 -17.07 -35.22 10.75
C PRO B 201 -17.60 -33.79 10.70
N ASP B 202 -17.18 -32.95 11.64
CA ASP B 202 -17.52 -31.54 11.82
C ASP B 202 -16.98 -30.75 10.64
N ASN B 203 -15.86 -31.24 10.04
CA ASN B 203 -15.14 -30.67 8.91
C ASN B 203 -15.72 -31.13 7.55
N MET B 204 -16.59 -32.14 7.59
CA MET B 204 -17.14 -32.75 6.40
C MET B 204 -18.56 -32.24 6.18
N LEU B 205 -18.72 -31.32 5.20
CA LEU B 205 -19.97 -30.63 4.87
C LEU B 205 -20.64 -31.20 3.64
N LEU B 206 -21.97 -31.10 3.56
CA LEU B 206 -22.71 -31.63 2.40
C LEU B 206 -23.40 -30.52 1.61
N ASP B 207 -23.19 -30.49 0.29
CA ASP B 207 -23.79 -29.48 -0.57
C ASP B 207 -25.27 -29.79 -0.86
N LYS B 208 -25.97 -28.94 -1.65
CA LYS B 208 -27.39 -29.12 -1.99
C LYS B 208 -27.67 -30.50 -2.64
N SER B 209 -26.63 -31.11 -3.22
CA SER B 209 -26.64 -32.38 -3.92
C SER B 209 -26.35 -33.60 -3.04
N GLY B 210 -25.81 -33.36 -1.83
CA GLY B 210 -25.47 -34.42 -0.89
C GLY B 210 -24.05 -34.92 -0.96
N HIS B 211 -23.21 -34.22 -1.76
CA HIS B 211 -21.80 -34.52 -1.95
C HIS B 211 -20.96 -33.71 -0.99
N LEU B 212 -19.84 -34.31 -0.61
CA LEU B 212 -18.91 -33.77 0.37
C LEU B 212 -18.02 -32.64 -0.14
N LYS B 213 -17.66 -31.74 0.79
CA LYS B 213 -16.77 -30.60 0.66
C LYS B 213 -16.16 -30.40 2.05
N LEU B 214 -14.82 -30.30 2.14
CA LEU B 214 -14.16 -30.07 3.42
C LEU B 214 -14.24 -28.59 3.75
N ALA B 215 -14.35 -28.30 5.06
CA ALA B 215 -14.42 -26.94 5.60
C ALA B 215 -13.76 -26.95 6.96
N ASP B 216 -13.55 -25.75 7.55
CA ASP B 216 -12.85 -25.50 8.82
C ASP B 216 -11.40 -25.92 8.72
N PHE B 217 -10.54 -25.01 8.22
CA PHE B 217 -9.12 -25.27 7.99
C PHE B 217 -8.19 -24.57 9.01
N GLY B 218 -8.68 -24.38 10.24
CA GLY B 218 -7.94 -23.77 11.36
C GLY B 218 -6.69 -24.52 11.86
N THR B 219 -6.64 -25.85 11.66
CA THR B 219 -5.50 -26.65 12.09
C THR B 219 -4.57 -27.00 10.92
N CYS B 220 -4.81 -26.40 9.73
CA CYS B 220 -4.02 -26.67 8.53
C CYS B 220 -2.69 -26.04 8.56
N MET B 221 -1.73 -26.69 7.89
CA MET B 221 -0.35 -26.28 7.80
C MET B 221 0.30 -26.67 6.51
N LYS B 222 1.17 -25.76 5.97
CA LYS B 222 1.88 -25.98 4.70
C LYS B 222 3.10 -26.85 4.90
N MET B 223 3.16 -27.95 4.09
CA MET B 223 4.23 -28.94 4.08
C MET B 223 5.48 -28.27 3.57
N ASN B 224 6.64 -28.73 4.04
CA ASN B 224 7.94 -28.25 3.61
C ASN B 224 8.41 -29.05 2.38
N LYS B 225 9.67 -28.82 1.93
CA LYS B 225 10.32 -29.48 0.78
C LYS B 225 10.08 -31.01 0.77
N GLU B 226 10.27 -31.66 1.93
CA GLU B 226 10.11 -33.11 2.11
C GLU B 226 8.65 -33.56 2.36
N GLY B 227 7.70 -32.63 2.24
CA GLY B 227 6.27 -32.90 2.45
C GLY B 227 5.94 -33.12 3.92
N MET B 228 6.72 -32.49 4.81
CA MET B 228 6.64 -32.61 6.25
C MET B 228 6.29 -31.30 6.92
N VAL B 229 5.68 -31.40 8.12
CA VAL B 229 5.27 -30.28 8.94
C VAL B 229 5.64 -30.58 10.41
N ARG B 230 5.89 -29.53 11.20
CA ARG B 230 6.31 -29.61 12.60
C ARG B 230 5.57 -28.55 13.42
N CYS B 231 5.01 -28.94 14.57
CA CYS B 231 4.26 -27.99 15.38
C CYS B 231 4.55 -28.09 16.87
N ASP B 232 4.36 -26.95 17.56
CA ASP B 232 4.54 -26.79 19.01
C ASP B 232 3.25 -26.35 19.73
N THR B 233 2.13 -26.18 18.97
CA THR B 233 0.80 -25.76 19.46
C THR B 233 0.06 -26.98 20.02
N ALA B 234 -0.51 -26.84 21.23
CA ALA B 234 -1.28 -27.86 21.95
C ALA B 234 -2.53 -28.36 21.19
N VAL B 235 -3.03 -29.55 21.57
CA VAL B 235 -4.18 -30.20 20.93
C VAL B 235 -5.52 -29.93 21.62
N GLY B 236 -6.56 -29.73 20.81
CA GLY B 236 -7.92 -29.47 21.28
C GLY B 236 -8.89 -30.58 20.94
N THR B 237 -9.07 -31.54 21.89
CA THR B 237 -9.94 -32.72 21.77
C THR B 237 -9.23 -33.71 20.85
N PRO B 238 -8.61 -34.73 21.43
CA PRO B 238 -7.75 -35.60 20.63
C PRO B 238 -8.43 -36.74 19.89
N ASP B 239 -9.76 -36.88 20.04
CA ASP B 239 -10.55 -37.97 19.46
C ASP B 239 -10.11 -38.44 18.05
N TYR B 240 -9.84 -37.50 17.12
CA TYR B 240 -9.40 -37.86 15.76
C TYR B 240 -7.92 -37.63 15.50
N ILE B 241 -7.16 -37.10 16.46
CA ILE B 241 -5.74 -36.83 16.22
C ILE B 241 -4.89 -38.11 16.27
N SER B 242 -3.93 -38.23 15.32
CA SER B 242 -2.99 -39.34 15.15
C SER B 242 -1.94 -39.31 16.26
N PRO B 243 -1.31 -40.47 16.60
CA PRO B 243 -0.29 -40.46 17.66
C PRO B 243 0.90 -39.55 17.38
N GLU B 244 1.30 -39.36 16.10
CA GLU B 244 2.45 -38.51 15.69
C GLU B 244 2.26 -37.04 15.98
N VAL B 245 1.03 -36.57 15.83
CA VAL B 245 0.71 -35.18 16.06
C VAL B 245 0.60 -34.92 17.57
N LEU B 246 0.18 -35.94 18.36
CA LEU B 246 0.07 -35.84 19.82
C LEU B 246 1.44 -35.91 20.46
N LYS B 247 2.37 -36.68 19.85
CA LYS B 247 3.77 -36.85 20.30
C LYS B 247 4.54 -35.56 20.02
N SER B 248 4.38 -34.98 18.81
CA SER B 248 4.99 -33.72 18.39
C SER B 248 4.23 -32.52 19.00
N GLN B 249 4.65 -32.14 20.22
CA GLN B 249 4.11 -31.02 20.99
C GLN B 249 5.31 -30.34 21.61
N GLY B 250 5.66 -29.20 21.03
CA GLY B 250 6.84 -28.43 21.39
C GLY B 250 7.83 -28.39 20.24
N GLY B 251 7.42 -29.00 19.12
CA GLY B 251 8.23 -29.10 17.91
C GLY B 251 9.26 -30.22 17.98
N ASP B 252 8.98 -31.21 18.86
CA ASP B 252 9.79 -32.42 19.06
C ASP B 252 9.23 -33.55 18.15
N GLY B 253 9.29 -33.28 16.83
CA GLY B 253 8.83 -34.15 15.76
C GLY B 253 8.32 -33.47 14.50
N TYR B 254 8.71 -34.03 13.36
CA TYR B 254 8.28 -33.63 12.03
C TYR B 254 7.45 -34.80 11.50
N TYR B 255 6.25 -34.52 11.00
CA TYR B 255 5.35 -35.54 10.47
C TYR B 255 4.82 -35.18 9.09
N GLY B 256 4.37 -36.20 8.36
CA GLY B 256 3.81 -36.07 7.03
C GLY B 256 2.30 -36.20 6.97
N ARG B 257 1.76 -36.34 5.76
CA ARG B 257 0.32 -36.43 5.49
C ARG B 257 -0.36 -37.72 5.97
N GLU B 258 0.39 -38.76 6.37
CA GLU B 258 -0.19 -40.01 6.90
C GLU B 258 -1.09 -39.71 8.12
N CYS B 259 -0.83 -38.60 8.84
CA CYS B 259 -1.61 -38.22 10.01
C CYS B 259 -3.10 -37.99 9.67
N ASP B 260 -3.37 -37.54 8.44
CA ASP B 260 -4.73 -37.35 7.93
C ASP B 260 -5.38 -38.68 7.62
N TRP B 261 -4.60 -39.72 7.26
CA TRP B 261 -5.14 -41.05 6.97
C TRP B 261 -5.61 -41.78 8.22
N TRP B 262 -4.93 -41.55 9.35
CA TRP B 262 -5.32 -42.12 10.63
C TRP B 262 -6.74 -41.60 10.98
N SER B 263 -6.99 -40.25 10.81
CA SER B 263 -8.28 -39.61 11.08
C SER B 263 -9.41 -40.25 10.26
N VAL B 264 -9.11 -40.68 9.00
CA VAL B 264 -10.09 -41.33 8.13
C VAL B 264 -10.53 -42.66 8.76
N GLY B 265 -9.57 -43.42 9.31
CA GLY B 265 -9.83 -44.68 10.01
C GLY B 265 -10.71 -44.48 11.22
N VAL B 266 -10.49 -43.37 11.97
CA VAL B 266 -11.33 -42.98 13.13
C VAL B 266 -12.77 -42.71 12.66
N PHE B 267 -12.90 -41.96 11.54
CA PHE B 267 -14.19 -41.60 10.92
C PHE B 267 -14.94 -42.84 10.48
N LEU B 268 -14.25 -43.78 9.80
CA LEU B 268 -14.86 -45.04 9.33
C LEU B 268 -15.37 -45.80 10.54
N TYR B 269 -14.48 -46.06 11.56
CA TYR B 269 -14.83 -46.74 12.81
C TYR B 269 -16.10 -46.10 13.41
N GLU B 270 -16.12 -44.77 13.56
CA GLU B 270 -17.27 -44.06 14.10
C GLU B 270 -18.56 -44.35 13.34
N MET B 271 -18.54 -44.23 11.98
CA MET B 271 -19.74 -44.47 11.17
C MET B 271 -20.33 -45.88 11.38
N LEU B 272 -19.47 -46.91 11.40
CA LEU B 272 -19.89 -48.30 11.51
C LEU B 272 -20.12 -48.79 12.95
N VAL B 273 -19.34 -48.31 13.92
CA VAL B 273 -19.49 -48.74 15.31
C VAL B 273 -20.42 -47.83 16.11
N GLY B 274 -20.48 -46.54 15.81
CA GLY B 274 -21.37 -45.61 16.51
C GLY B 274 -20.69 -44.72 17.55
N ASP B 275 -19.42 -45.08 17.88
CA ASP B 275 -18.56 -44.36 18.83
C ASP B 275 -17.17 -44.25 18.26
N THR B 276 -16.36 -43.34 18.83
CA THR B 276 -14.95 -43.17 18.43
C THR B 276 -14.14 -44.31 19.05
N PRO B 277 -13.12 -44.85 18.35
CA PRO B 277 -12.42 -46.03 18.88
C PRO B 277 -11.66 -45.82 20.19
N PHE B 278 -11.29 -44.56 20.51
CA PHE B 278 -10.45 -44.22 21.66
C PHE B 278 -11.13 -43.24 22.65
N TYR B 279 -12.46 -43.21 22.65
CA TYR B 279 -13.20 -42.34 23.54
C TYR B 279 -12.96 -42.78 24.98
N ALA B 280 -12.87 -41.77 25.87
CA ALA B 280 -12.76 -41.88 27.33
C ALA B 280 -13.50 -40.65 27.91
N ASP B 281 -13.85 -40.66 29.20
CA ASP B 281 -14.55 -39.52 29.80
C ASP B 281 -13.71 -38.25 29.73
N SER B 282 -12.49 -38.31 30.29
CA SER B 282 -11.51 -37.21 30.27
C SER B 282 -10.77 -37.12 28.93
N LEU B 283 -10.25 -35.92 28.64
CA LEU B 283 -9.46 -35.57 27.47
C LEU B 283 -8.15 -36.33 27.58
N VAL B 284 -7.54 -36.39 28.80
CA VAL B 284 -6.30 -37.11 29.02
C VAL B 284 -6.47 -38.63 28.83
N GLY B 285 -7.67 -39.16 29.14
CA GLY B 285 -8.04 -40.56 28.98
C GLY B 285 -8.00 -40.97 27.51
N THR B 286 -8.52 -40.08 26.65
CA THR B 286 -8.55 -40.29 25.20
C THR B 286 -7.11 -40.34 24.66
N TYR B 287 -6.23 -39.40 25.11
CA TYR B 287 -4.82 -39.33 24.72
C TYR B 287 -4.10 -40.66 25.05
N SER B 288 -4.31 -41.23 26.27
CA SER B 288 -3.75 -42.51 26.72
C SER B 288 -4.16 -43.65 25.82
N LYS B 289 -5.45 -43.69 25.43
CA LYS B 289 -6.02 -44.72 24.57
C LYS B 289 -5.45 -44.66 23.17
N ILE B 290 -5.21 -43.44 22.63
CA ILE B 290 -4.62 -43.24 21.29
C ILE B 290 -3.16 -43.72 21.28
N MET B 291 -2.39 -43.33 22.30
CA MET B 291 -0.98 -43.71 22.46
C MET B 291 -0.86 -45.20 22.66
N ASN B 292 -1.92 -45.85 23.20
CA ASN B 292 -1.97 -47.30 23.38
C ASN B 292 -2.94 -47.98 22.38
N HIS B 293 -3.11 -47.37 21.19
CA HIS B 293 -3.97 -47.88 20.13
C HIS B 293 -3.80 -49.39 19.84
N LYS B 294 -2.55 -49.93 19.90
CA LYS B 294 -2.22 -51.35 19.64
C LYS B 294 -3.06 -52.32 20.51
N ASN B 295 -3.35 -51.92 21.77
CA ASN B 295 -4.11 -52.70 22.74
C ASN B 295 -5.51 -52.20 23.01
N SER B 296 -5.76 -50.90 22.80
CA SER B 296 -7.06 -50.28 23.07
C SER B 296 -8.09 -50.39 21.92
N LEU B 297 -7.64 -50.55 20.65
CA LEU B 297 -8.55 -50.67 19.50
C LEU B 297 -9.21 -52.06 19.50
N THR B 298 -10.54 -52.07 19.68
CA THR B 298 -11.35 -53.30 19.68
C THR B 298 -12.65 -53.10 18.91
N PHE B 299 -13.29 -54.22 18.55
CA PHE B 299 -14.55 -54.21 17.84
C PHE B 299 -15.61 -54.92 18.68
N PRO B 300 -16.89 -54.46 18.61
CA PRO B 300 -17.95 -55.16 19.35
C PRO B 300 -18.26 -56.56 18.78
N ASP B 301 -18.77 -57.49 19.62
CA ASP B 301 -19.13 -58.86 19.22
C ASP B 301 -20.45 -58.96 18.39
N ASP B 302 -20.48 -58.32 17.21
CA ASP B 302 -21.63 -58.28 16.30
C ASP B 302 -21.07 -58.28 14.90
N ASN B 303 -21.29 -59.42 14.22
CA ASN B 303 -21.00 -59.84 12.82
C ASN B 303 -21.14 -58.71 11.77
N ASP B 304 -21.83 -57.62 12.18
CA ASP B 304 -22.23 -56.43 11.44
C ASP B 304 -21.16 -55.85 10.56
N ILE B 305 -19.97 -55.48 11.09
CA ILE B 305 -18.88 -54.92 10.25
C ILE B 305 -18.20 -56.05 9.46
N SER B 306 -18.03 -55.83 8.13
CA SER B 306 -17.42 -56.77 7.20
C SER B 306 -15.93 -56.97 7.44
N LYS B 307 -15.38 -58.05 6.87
CA LYS B 307 -13.95 -58.38 6.94
C LYS B 307 -13.13 -57.18 6.45
N GLU B 308 -13.45 -56.65 5.23
CA GLU B 308 -12.80 -55.54 4.53
C GLU B 308 -12.87 -54.21 5.24
N ALA B 309 -14.03 -53.90 5.86
CA ALA B 309 -14.18 -52.64 6.59
C ALA B 309 -13.28 -52.68 7.81
N LYS B 310 -13.29 -53.79 8.59
CA LYS B 310 -12.40 -54.03 9.75
C LYS B 310 -10.94 -53.92 9.34
N ASN B 311 -10.57 -54.43 8.13
CA ASN B 311 -9.18 -54.38 7.64
C ASN B 311 -8.70 -52.96 7.34
N LEU B 312 -9.53 -52.15 6.67
CA LEU B 312 -9.21 -50.77 6.34
C LEU B 312 -9.03 -49.98 7.62
N ILE B 313 -9.95 -50.17 8.60
CA ILE B 313 -9.86 -49.46 9.87
C ILE B 313 -8.51 -49.73 10.52
N CYS B 314 -8.12 -51.01 10.61
CA CYS B 314 -6.86 -51.44 11.21
C CYS B 314 -5.64 -51.01 10.42
N ALA B 315 -5.78 -50.91 9.07
CA ALA B 315 -4.72 -50.47 8.17
C ALA B 315 -4.40 -48.98 8.36
N PHE B 316 -5.37 -48.16 8.80
CA PHE B 316 -5.18 -46.74 9.06
C PHE B 316 -4.86 -46.51 10.54
N LEU B 317 -5.46 -47.30 11.45
CA LEU B 317 -5.29 -47.18 12.91
C LEU B 317 -4.05 -47.95 13.43
N THR B 318 -2.90 -47.68 12.78
CA THR B 318 -1.60 -48.28 13.05
C THR B 318 -0.49 -47.21 13.10
N ASP B 319 0.74 -47.59 13.45
CA ASP B 319 1.86 -46.63 13.51
C ASP B 319 2.16 -46.15 12.09
N ARG B 320 2.53 -44.86 11.96
CA ARG B 320 2.79 -44.16 10.70
C ARG B 320 3.63 -44.96 9.69
N GLU B 321 4.64 -45.69 10.19
CA GLU B 321 5.60 -46.47 9.40
C GLU B 321 4.98 -47.69 8.71
N VAL B 322 3.80 -48.15 9.15
CA VAL B 322 3.12 -49.31 8.55
C VAL B 322 1.68 -48.98 8.10
N ARG B 323 1.31 -47.70 8.19
CA ARG B 323 0.00 -47.18 7.85
C ARG B 323 -0.29 -47.17 6.35
N LEU B 324 -1.53 -47.55 5.95
CA LEU B 324 -1.96 -47.48 4.56
C LEU B 324 -1.96 -46.01 4.15
N GLY B 325 -1.36 -45.72 3.00
CA GLY B 325 -1.23 -44.36 2.51
C GLY B 325 0.16 -43.78 2.66
N ARG B 326 1.08 -44.51 3.34
CA ARG B 326 2.48 -44.10 3.52
C ARG B 326 3.17 -44.03 2.14
N ASN B 327 2.65 -44.84 1.18
CA ASN B 327 3.13 -44.97 -0.20
C ASN B 327 2.18 -44.27 -1.21
N GLY B 328 1.32 -43.36 -0.73
CA GLY B 328 0.39 -42.59 -1.56
C GLY B 328 -1.04 -43.10 -1.57
N VAL B 329 -1.95 -42.35 -2.23
CA VAL B 329 -3.37 -42.65 -2.31
C VAL B 329 -3.73 -43.90 -3.08
N GLU B 330 -3.00 -44.21 -4.15
CA GLU B 330 -3.37 -45.37 -4.96
C GLU B 330 -3.45 -46.68 -4.14
N GLU B 331 -2.64 -46.84 -3.05
CA GLU B 331 -2.76 -48.04 -2.21
C GLU B 331 -4.06 -48.00 -1.38
N ILE B 332 -4.59 -46.79 -1.03
CA ILE B 332 -5.85 -46.62 -0.28
C ILE B 332 -7.01 -46.95 -1.25
N LYS B 333 -7.00 -46.29 -2.42
CA LYS B 333 -7.99 -46.45 -3.49
C LYS B 333 -8.18 -47.91 -3.92
N ARG B 334 -7.07 -48.67 -3.98
CA ARG B 334 -7.09 -50.08 -4.36
C ARG B 334 -7.57 -51.02 -3.24
N HIS B 335 -7.71 -50.52 -1.97
CA HIS B 335 -8.16 -51.38 -0.86
C HIS B 335 -9.50 -52.02 -1.17
N LEU B 336 -9.59 -53.34 -0.93
CA LEU B 336 -10.78 -54.15 -1.21
C LEU B 336 -12.07 -53.59 -0.65
N PHE B 337 -12.00 -52.79 0.44
CA PHE B 337 -13.19 -52.20 1.04
C PHE B 337 -13.94 -51.35 0.02
N PHE B 338 -13.22 -50.64 -0.87
CA PHE B 338 -13.87 -49.78 -1.85
C PHE B 338 -14.43 -50.53 -3.06
N LYS B 339 -14.09 -51.83 -3.22
CA LYS B 339 -14.58 -52.65 -4.34
C LYS B 339 -16.14 -52.63 -4.35
N ASN B 340 -16.71 -52.07 -5.43
CA ASN B 340 -18.15 -51.91 -5.57
C ASN B 340 -18.65 -51.83 -7.03
N ASP B 341 -19.96 -52.07 -7.19
CA ASP B 341 -20.68 -52.09 -8.46
C ASP B 341 -21.63 -50.89 -8.58
N GLN B 342 -21.27 -49.75 -7.96
CA GLN B 342 -22.10 -48.54 -8.01
C GLN B 342 -21.36 -47.34 -8.61
N TRP B 343 -20.08 -47.11 -8.22
CA TRP B 343 -19.29 -45.96 -8.65
C TRP B 343 -17.84 -46.29 -8.98
N ALA B 344 -17.17 -45.33 -9.64
CA ALA B 344 -15.74 -45.33 -9.99
C ALA B 344 -15.12 -44.08 -9.37
N TRP B 345 -13.89 -44.18 -8.87
CA TRP B 345 -13.19 -43.06 -8.22
C TRP B 345 -13.23 -41.76 -9.04
N GLU B 346 -12.93 -41.87 -10.34
CA GLU B 346 -12.85 -40.75 -11.27
C GLU B 346 -14.20 -40.13 -11.62
N THR B 347 -15.30 -40.71 -11.15
CA THR B 347 -16.62 -40.25 -11.52
C THR B 347 -17.58 -40.10 -10.31
N LEU B 348 -17.08 -40.45 -9.13
CA LEU B 348 -17.80 -40.46 -7.87
C LEU B 348 -18.68 -39.23 -7.61
N ARG B 349 -18.16 -38.00 -7.79
CA ARG B 349 -18.97 -36.81 -7.49
C ARG B 349 -20.08 -36.54 -8.53
N ASP B 350 -20.19 -37.40 -9.54
CA ASP B 350 -21.24 -37.30 -10.57
C ASP B 350 -22.34 -38.30 -10.30
N THR B 351 -22.11 -39.24 -9.36
CA THR B 351 -23.09 -40.24 -8.96
C THR B 351 -24.11 -39.60 -8.01
N VAL B 352 -25.24 -40.28 -7.80
CA VAL B 352 -26.29 -39.80 -6.89
C VAL B 352 -25.90 -40.16 -5.43
N ALA B 353 -25.82 -39.14 -4.56
CA ALA B 353 -25.38 -39.30 -3.17
C ALA B 353 -26.34 -40.14 -2.35
N PRO B 354 -25.86 -40.90 -1.33
CA PRO B 354 -26.79 -41.72 -0.53
C PRO B 354 -27.92 -40.93 0.14
N VAL B 355 -27.66 -39.66 0.55
CA VAL B 355 -28.67 -38.78 1.17
C VAL B 355 -28.75 -37.43 0.44
N VAL B 356 -29.84 -37.21 -0.28
CA VAL B 356 -30.01 -35.95 -1.01
C VAL B 356 -30.81 -34.93 -0.16
N PRO B 357 -30.20 -33.78 0.21
CA PRO B 357 -30.97 -32.76 0.97
C PRO B 357 -32.33 -32.42 0.34
N ASP B 358 -33.38 -32.29 1.16
CA ASP B 358 -34.70 -31.87 0.67
C ASP B 358 -34.90 -30.52 1.32
N LEU B 359 -34.65 -29.44 0.55
CA LEU B 359 -34.66 -28.07 1.08
C LEU B 359 -35.83 -27.23 0.57
N SER B 360 -36.46 -26.49 1.53
CA SER B 360 -37.61 -25.62 1.34
C SER B 360 -37.30 -24.28 0.68
N SER B 361 -36.09 -23.72 0.90
CA SER B 361 -35.71 -22.42 0.35
C SER B 361 -34.21 -22.24 0.31
N ASP B 362 -33.75 -21.09 -0.24
CA ASP B 362 -32.34 -20.71 -0.32
C ASP B 362 -31.74 -20.46 1.07
N ILE B 363 -32.61 -20.19 2.08
CA ILE B 363 -32.18 -19.94 3.47
C ILE B 363 -32.68 -21.04 4.45
N ASP B 364 -32.97 -22.27 3.94
CA ASP B 364 -33.38 -23.44 4.75
C ASP B 364 -32.19 -23.82 5.65
N THR B 365 -32.40 -23.92 6.98
CA THR B 365 -31.34 -24.26 7.94
C THR B 365 -31.65 -25.51 8.78
N SER B 366 -32.64 -26.33 8.35
CA SER B 366 -33.12 -27.55 9.03
C SER B 366 -32.02 -28.55 9.44
N ASN B 367 -30.87 -28.58 8.71
CA ASN B 367 -29.73 -29.46 8.98
C ASN B 367 -28.73 -28.83 9.95
N PHE B 368 -29.09 -27.67 10.51
CA PHE B 368 -28.24 -26.95 11.44
C PHE B 368 -28.91 -26.88 12.79
N ASP B 369 -28.21 -27.39 13.81
CA ASP B 369 -28.75 -27.44 15.15
C ASP B 369 -28.76 -26.02 15.74
N ASP B 370 -29.96 -25.62 16.23
CA ASP B 370 -30.34 -24.32 16.79
C ASP B 370 -29.30 -23.74 17.77
N LEU B 371 -28.77 -22.55 17.44
CA LEU B 371 -27.76 -21.93 18.30
C LEU B 371 -28.24 -20.67 19.00
N GLU B 372 -27.97 -20.70 20.35
CA GLU B 372 -28.25 -19.81 21.50
C GLU B 372 -27.53 -18.43 21.39
N GLU B 373 -26.96 -17.88 22.51
CA GLU B 373 -26.20 -16.61 22.54
C GLU B 373 -25.29 -16.49 23.78
N GLU B 377 -20.64 -10.79 26.35
CA GLU B 377 -20.48 -9.53 25.63
C GLU B 377 -19.01 -9.24 25.25
N GLU B 378 -18.82 -8.68 24.04
CA GLU B 378 -17.56 -8.40 23.40
C GLU B 378 -16.62 -7.45 24.14
N GLU B 379 -15.54 -8.05 24.68
CA GLU B 379 -14.43 -7.38 25.35
C GLU B 379 -13.46 -6.91 24.25
N THR B 380 -13.00 -5.66 24.35
CA THR B 380 -12.08 -5.08 23.38
C THR B 380 -10.70 -4.75 23.99
N PHE B 381 -9.75 -4.34 23.15
CA PHE B 381 -8.41 -3.92 23.57
C PHE B 381 -8.51 -2.60 24.31
N PRO B 382 -7.62 -2.32 25.26
CA PRO B 382 -7.62 -1.00 25.90
C PRO B 382 -6.97 0.11 25.03
N ILE B 383 -7.07 1.39 25.50
CA ILE B 383 -6.49 2.54 24.82
C ILE B 383 -4.97 2.49 25.10
N PRO B 384 -4.14 2.26 24.05
CA PRO B 384 -2.68 2.17 24.30
C PRO B 384 -2.02 3.51 24.66
N LYS B 385 -1.07 3.42 25.58
CA LYS B 385 -0.33 4.59 26.05
C LYS B 385 0.84 4.87 25.09
N ALA B 386 1.27 3.84 24.34
CA ALA B 386 2.34 3.86 23.34
C ALA B 386 1.87 3.02 22.14
N PHE B 387 2.66 2.97 21.05
CA PHE B 387 2.29 2.19 19.86
C PHE B 387 2.42 0.69 20.16
N VAL B 388 1.32 -0.06 19.96
CA VAL B 388 1.27 -1.51 20.24
C VAL B 388 1.13 -2.36 18.95
N GLY B 389 0.51 -1.80 17.91
CA GLY B 389 0.33 -2.44 16.61
C GLY B 389 -0.55 -3.68 16.57
N ASN B 390 -1.71 -3.64 17.25
CA ASN B 390 -2.61 -4.79 17.28
C ASN B 390 -3.22 -5.18 15.92
N GLN B 391 -3.31 -4.25 14.96
CA GLN B 391 -3.85 -4.55 13.64
C GLN B 391 -2.84 -5.19 12.68
N LEU B 392 -1.55 -5.15 13.01
CA LEU B 392 -0.47 -5.65 12.16
C LEU B 392 -0.53 -7.14 11.79
N PRO B 393 -0.86 -8.10 12.71
CA PRO B 393 -0.88 -9.53 12.30
C PRO B 393 -1.95 -9.90 11.29
N PHE B 394 -2.84 -8.94 10.93
CA PHE B 394 -3.98 -9.11 10.03
C PHE B 394 -3.88 -8.38 8.66
N VAL B 395 -2.77 -7.64 8.45
CA VAL B 395 -2.50 -6.93 7.22
C VAL B 395 -2.39 -7.91 6.06
N GLY B 396 -3.25 -7.73 5.06
CA GLY B 396 -3.24 -8.55 3.86
C GLY B 396 -4.24 -9.68 3.82
N PHE B 397 -5.12 -9.76 4.84
CA PHE B 397 -6.17 -10.80 4.95
C PHE B 397 -7.29 -10.55 3.95
N THR B 398 -7.51 -9.29 3.55
CA THR B 398 -8.56 -8.94 2.59
C THR B 398 -8.37 -9.66 1.25
N TYR B 399 -9.49 -10.16 0.68
CA TYR B 399 -9.55 -10.85 -0.61
C TYR B 399 -10.90 -10.62 -1.28
N TYR B 400 -10.91 -10.16 -2.55
CA TYR B 400 -12.15 -9.97 -3.34
C TYR B 400 -12.08 -10.74 -4.67
N SER B 401 -13.01 -11.68 -4.91
CA SER B 401 -13.11 -12.43 -6.17
C SER B 401 -13.78 -11.52 -7.24
N ASN B 402 -13.75 -11.94 -8.53
CA ASN B 402 -14.37 -11.18 -9.64
C ASN B 402 -15.08 -12.05 -10.68
#